data_2H9Y
#
_entry.id   2H9Y
#
_cell.length_a   79.013
_cell.length_b   111.394
_cell.length_c   226.934
_cell.angle_alpha   90.00
_cell.angle_beta   90.00
_cell.angle_gamma   90.00
#
_symmetry.space_group_name_H-M   'P 21 21 21'
#
loop_
_entity.id
_entity.type
_entity.pdbx_description
1 polymer Acetylcholinesterase
2 branched alpha-L-fucopyranose-(1-6)-2-acetamido-2-deoxy-beta-D-glucopyranose
3 non-polymer 2-acetamido-2-deoxy-beta-D-glucopyranose
4 non-polymer M-(N,N,N-TRIMETHYLAMMONIO)-2,2,2-TRIFLUORO-1,1-DIHYDROXYETHYLBENZENE
5 non-polymer 'HEXAETHYLENE GLYCOL'
6 non-polymer 'TETRAETHYLENE GLYCOL'
7 water water
#
_entity_poly.entity_id   1
_entity_poly.type   'polypeptide(L)'
_entity_poly.pdbx_seq_one_letter_code
;EGREDPQLLVRVRGGQLRGIRLKAPGGPVSAFLGIPFAEPPVGSRRFMPPEPKRPWSGVLDATTFQNVCYQYVDTLYPGF
EGTEMWNPNRELSEDCLYLNVWTPYPRPASPTPVLIWIYGGGFYSGAASLDVYDGRFLAQVEGAVLVSMNYRVGTFGFLA
LPGSREAPGNVGLLDQRLALQWVQENIAAFGGDPMSVTLFGESAGAASVGMHILSLPSRSLFHRAVLQSGTPNGPWATVS
AGEARRRATLLARLVGCPPGGAGGNDTELIACLRTRPAQDLVDHEWHVLPQESIFRFSFVPVVDGDFLSDTPEALINTGD
FQDLQVLVGVVKDEGSYFLVYGVPGFSKDNESLISRAQFLAGVRIGVPQASDLAAEAVVLHYTDWLHPEDPTHLRDAMSA
VVGDHNVVCPVAQLAGRLAAQGARVYAYIFEHRASTLTWPLWMGVPHGYEIEFIFGLPLDPSLNYTTEERIFAQRLMKYW
TNFARTGDPNDPRDSKSPQWPPYTTAAQQYVSLNLKPLEVRRGLRAQTCAFWNRFLPKLLSAT
;
_entity_poly.pdbx_strand_id   A,B
#
loop_
_chem_comp.id
_chem_comp.type
_chem_comp.name
_chem_comp.formula
FUC L-saccharide, alpha linking alpha-L-fucopyranose 'C6 H12 O5'
NAF non-polymer M-(N,N,N-TRIMETHYLAMMONIO)-2,2,2-TRIFLUORO-1,1-DIHYDROXYETHYLBENZENE 'C11 H15 F3 N O2 1'
NAG D-saccharide, beta linking 2-acetamido-2-deoxy-beta-D-glucopyranose 'C8 H15 N O6'
P6G non-polymer 'HEXAETHYLENE GLYCOL' 'C12 H26 O7'
PG4 non-polymer 'TETRAETHYLENE GLYCOL' 'C8 H18 O5'
#
# COMPACT_ATOMS: atom_id res chain seq x y z
N GLU A 1 33.55 -44.49 -41.70
CA GLU A 1 32.53 -43.67 -42.41
C GLU A 1 32.14 -44.41 -43.69
N GLY A 2 31.54 -43.69 -44.64
CA GLY A 2 31.23 -44.25 -45.94
C GLY A 2 29.80 -44.01 -46.33
N ARG A 3 28.89 -44.64 -45.58
CA ARG A 3 27.46 -44.71 -45.94
C ARG A 3 26.56 -43.77 -45.14
N GLU A 4 27.13 -42.97 -44.26
CA GLU A 4 26.33 -42.12 -43.39
C GLU A 4 26.19 -40.73 -43.94
N ASP A 5 25.21 -40.01 -43.41
CA ASP A 5 24.92 -38.64 -43.78
C ASP A 5 26.15 -37.79 -43.44
N PRO A 6 26.81 -37.21 -44.47
CA PRO A 6 27.98 -36.35 -44.24
C PRO A 6 27.75 -35.10 -43.39
N GLN A 7 26.50 -34.65 -43.26
CA GLN A 7 26.21 -33.52 -42.38
C GLN A 7 26.12 -33.89 -40.90
N LEU A 8 26.17 -35.17 -40.58
CA LEU A 8 25.96 -35.59 -39.19
C LEU A 8 27.24 -35.96 -38.47
N LEU A 9 28.38 -35.79 -39.15
CA LEU A 9 29.68 -36.15 -38.60
C LEU A 9 30.48 -34.88 -38.32
N VAL A 10 30.84 -34.68 -37.05
CA VAL A 10 31.54 -33.47 -36.60
C VAL A 10 32.58 -33.84 -35.55
N ARG A 11 33.70 -33.13 -35.57
CA ARG A 11 34.75 -33.32 -34.60
C ARG A 11 34.79 -32.12 -33.66
N VAL A 12 34.81 -32.41 -32.36
CA VAL A 12 35.06 -31.42 -31.33
C VAL A 12 36.41 -31.71 -30.66
N ARG A 13 36.79 -30.90 -29.67
CA ARG A 13 38.11 -30.98 -29.03
C ARG A 13 38.37 -32.35 -28.39
N GLY A 14 37.32 -33.03 -27.93
CA GLY A 14 37.48 -34.35 -27.33
C GLY A 14 37.41 -35.54 -28.28
N GLY A 15 37.01 -35.31 -29.52
CA GLY A 15 36.88 -36.40 -30.48
C GLY A 15 35.75 -36.24 -31.46
N GLN A 16 35.44 -37.33 -32.16
CA GLN A 16 34.46 -37.33 -33.24
C GLN A 16 33.07 -37.65 -32.74
N LEU A 17 32.08 -36.98 -33.29
CA LEU A 17 30.67 -37.17 -32.90
C LEU A 17 29.83 -37.51 -34.11
N ARG A 18 28.79 -38.30 -33.88
CA ARG A 18 27.77 -38.55 -34.89
C ARG A 18 26.41 -38.09 -34.38
N GLY A 19 25.83 -37.10 -35.07
CA GLY A 19 24.50 -36.59 -34.72
C GLY A 19 23.35 -37.35 -35.37
N ILE A 20 22.17 -36.73 -35.31
CA ILE A 20 20.97 -37.29 -35.89
C ILE A 20 20.20 -36.18 -36.62
N ARG A 21 19.60 -36.55 -37.76
CA ARG A 21 18.79 -35.66 -38.54
C ARG A 21 17.37 -35.81 -38.01
N LEU A 22 16.83 -34.74 -37.44
CA LEU A 22 15.49 -34.73 -36.89
C LEU A 22 14.55 -33.95 -37.78
N LYS A 23 13.27 -34.31 -37.72
CA LYS A 23 12.22 -33.61 -38.48
C LYS A 23 11.65 -32.49 -37.63
N ALA A 24 11.68 -31.26 -38.15
CA ALA A 24 10.88 -30.17 -37.62
C ALA A 24 9.80 -29.84 -38.67
N PRO A 25 8.71 -29.19 -38.25
CA PRO A 25 7.60 -28.98 -39.18
C PRO A 25 8.00 -28.41 -40.54
N GLY A 26 8.91 -27.43 -40.57
CA GLY A 26 9.31 -26.79 -41.81
C GLY A 26 10.47 -27.46 -42.53
N GLY A 27 11.04 -28.50 -41.94
CA GLY A 27 12.19 -29.17 -42.52
C GLY A 27 13.13 -29.78 -41.49
N PRO A 28 14.24 -30.35 -41.98
CA PRO A 28 15.16 -31.07 -41.12
C PRO A 28 16.08 -30.16 -40.30
N VAL A 29 16.48 -30.65 -39.14
CA VAL A 29 17.53 -30.04 -38.32
C VAL A 29 18.55 -31.12 -37.94
N SER A 30 19.75 -30.68 -37.56
CA SER A 30 20.79 -31.54 -37.01
C SER A 30 20.83 -31.43 -35.48
N ALA A 31 20.87 -32.58 -34.81
CA ALA A 31 20.96 -32.62 -33.37
C ALA A 31 22.15 -33.48 -32.95
N PHE A 32 22.94 -32.95 -32.01
CA PHE A 32 24.03 -33.68 -31.41
C PHE A 32 23.70 -33.77 -29.94
N LEU A 33 23.14 -34.90 -29.54
CA LEU A 33 22.60 -35.07 -28.18
C LEU A 33 23.47 -35.97 -27.33
N GLY A 34 23.65 -35.61 -26.07
CA GLY A 34 24.43 -36.42 -25.15
C GLY A 34 25.93 -36.32 -25.35
N ILE A 35 26.43 -35.11 -25.65
CA ILE A 35 27.88 -34.87 -25.73
C ILE A 35 28.45 -34.62 -24.33
N PRO A 36 29.38 -35.47 -23.87
CA PRO A 36 29.91 -35.28 -22.51
C PRO A 36 30.84 -34.06 -22.45
N PHE A 37 30.71 -33.18 -21.46
CA PHE A 37 31.60 -32.01 -21.32
C PHE A 37 32.47 -32.03 -20.06
N ALA A 38 32.27 -33.04 -19.22
CA ALA A 38 32.99 -33.24 -17.98
C ALA A 38 33.30 -34.71 -17.77
N GLU A 39 34.27 -35.02 -16.92
CA GLU A 39 34.41 -36.37 -16.42
C GLU A 39 33.22 -36.65 -15.52
N PRO A 40 32.66 -37.86 -15.58
CA PRO A 40 31.53 -38.16 -14.69
C PRO A 40 31.84 -37.82 -13.24
N PRO A 41 31.00 -37.00 -12.60
CA PRO A 41 31.30 -36.54 -11.24
C PRO A 41 30.88 -37.58 -10.18
N VAL A 42 31.49 -38.76 -10.27
CA VAL A 42 31.04 -39.92 -9.49
C VAL A 42 32.12 -40.37 -8.50
N GLY A 43 31.70 -41.13 -7.49
CA GLY A 43 32.61 -41.63 -6.48
C GLY A 43 33.31 -40.50 -5.74
N SER A 44 34.63 -40.51 -5.80
CA SER A 44 35.45 -39.52 -5.09
C SER A 44 35.25 -38.10 -5.63
N ARG A 45 34.63 -37.97 -6.81
CA ARG A 45 34.32 -36.66 -7.40
C ARG A 45 32.96 -36.06 -7.02
N ARG A 46 32.18 -36.79 -6.22
CA ARG A 46 30.92 -36.25 -5.71
C ARG A 46 31.19 -35.02 -4.87
N PHE A 47 30.35 -34.00 -5.03
CA PHE A 47 30.51 -32.68 -4.41
C PHE A 47 31.69 -31.83 -4.91
N MET A 48 32.49 -32.37 -5.84
CA MET A 48 33.69 -31.70 -6.31
C MET A 48 33.42 -30.94 -7.61
N PRO A 49 34.16 -29.85 -7.84
CA PRO A 49 34.08 -29.14 -9.12
C PRO A 49 34.25 -30.09 -10.31
N PRO A 50 33.63 -29.78 -11.46
CA PRO A 50 33.78 -30.63 -12.62
C PRO A 50 35.17 -30.50 -13.23
N GLU A 51 35.70 -31.62 -13.70
CA GLU A 51 36.93 -31.63 -14.52
C GLU A 51 36.52 -31.83 -15.98
N PRO A 52 37.21 -31.14 -16.90
CA PRO A 52 36.87 -31.30 -18.32
C PRO A 52 36.95 -32.76 -18.82
N LYS A 53 36.04 -33.11 -19.72
CA LYS A 53 36.02 -34.46 -20.29
C LYS A 53 37.29 -34.77 -21.04
N ARG A 54 37.86 -35.94 -20.78
CA ARG A 54 39.06 -36.40 -21.47
C ARG A 54 38.71 -36.94 -22.86
N PRO A 55 39.57 -36.67 -23.87
CA PRO A 55 39.27 -37.13 -25.22
C PRO A 55 38.92 -38.61 -25.31
N TRP A 56 37.97 -38.95 -26.19
CA TRP A 56 37.57 -40.34 -26.41
C TRP A 56 38.13 -40.80 -27.74
N SER A 57 38.11 -42.11 -27.96
CA SER A 57 38.55 -42.65 -29.22
C SER A 57 37.33 -43.09 -30.04
N GLY A 58 37.45 -42.98 -31.36
CA GLY A 58 36.38 -43.35 -32.28
C GLY A 58 35.29 -42.32 -32.32
N VAL A 59 34.15 -42.71 -32.89
CA VAL A 59 33.01 -41.83 -33.08
C VAL A 59 31.98 -42.04 -31.95
N LEU A 60 31.82 -41.01 -31.13
CA LEU A 60 30.82 -41.01 -30.07
C LEU A 60 29.44 -40.85 -30.69
N ASP A 61 28.50 -41.70 -30.28
CA ASP A 61 27.14 -41.58 -30.75
C ASP A 61 26.41 -40.44 -30.03
N ALA A 62 26.17 -39.33 -30.71
CA ALA A 62 25.42 -38.22 -30.13
C ALA A 62 24.00 -38.11 -30.74
N THR A 63 23.30 -39.25 -30.77
CA THR A 63 21.97 -39.33 -31.40
C THR A 63 20.84 -39.44 -30.39
N THR A 64 21.14 -39.47 -29.09
CA THR A 64 20.10 -39.60 -28.09
C THR A 64 20.46 -38.86 -26.80
N PHE A 65 19.45 -38.36 -26.10
CA PHE A 65 19.67 -37.66 -24.84
C PHE A 65 20.30 -38.62 -23.83
N GLN A 66 21.18 -38.07 -23.01
CA GLN A 66 21.85 -38.82 -21.98
C GLN A 66 21.13 -38.75 -20.62
N ASN A 67 21.73 -39.38 -19.62
CA ASN A 67 21.16 -39.44 -18.29
C ASN A 67 20.84 -38.04 -17.74
N VAL A 68 19.79 -38.02 -16.93
CA VAL A 68 19.39 -36.85 -16.19
C VAL A 68 20.09 -36.91 -14.85
N CYS A 69 20.47 -35.74 -14.35
CA CYS A 69 21.19 -35.65 -13.09
C CYS A 69 20.34 -36.17 -11.93
N TYR A 70 20.96 -36.81 -10.96
CA TYR A 70 20.21 -37.48 -9.89
C TYR A 70 19.41 -36.45 -9.11
N GLN A 71 18.13 -36.72 -8.93
CA GLN A 71 17.23 -35.73 -8.36
C GLN A 71 15.95 -36.29 -7.78
N TYR A 72 15.38 -35.48 -6.87
CA TYR A 72 14.03 -35.65 -6.37
C TYR A 72 13.04 -35.56 -7.53
N VAL A 73 12.12 -36.52 -7.57
CA VAL A 73 11.12 -36.58 -8.62
C VAL A 73 9.73 -36.31 -8.03
N ASP A 74 9.08 -35.29 -8.55
CA ASP A 74 7.77 -34.84 -8.08
C ASP A 74 6.76 -35.96 -8.22
N THR A 75 6.02 -36.21 -7.15
CA THR A 75 5.07 -37.32 -7.13
C THR A 75 3.65 -36.90 -6.67
N LEU A 76 3.42 -35.59 -6.56
CA LEU A 76 2.19 -35.05 -6.00
C LEU A 76 0.94 -35.36 -6.81
N TYR A 77 1.02 -35.24 -8.13
CA TYR A 77 -0.12 -35.53 -9.02
C TYR A 77 0.27 -36.53 -10.11
N PRO A 78 0.31 -37.82 -9.76
CA PRO A 78 0.77 -38.82 -10.72
C PRO A 78 -0.27 -39.05 -11.84
N GLY A 79 0.21 -39.33 -13.06
CA GLY A 79 -0.66 -39.49 -14.22
C GLY A 79 -0.97 -38.19 -14.95
N PHE A 80 -0.61 -37.07 -14.33
CA PHE A 80 -1.07 -35.74 -14.74
C PHE A 80 0.00 -35.08 -15.58
N GLU A 81 -0.35 -34.70 -16.80
CA GLU A 81 0.60 -34.07 -17.75
C GLU A 81 1.26 -32.81 -17.17
N GLY A 82 0.49 -32.05 -16.40
CA GLY A 82 0.98 -30.79 -15.83
C GLY A 82 2.22 -30.91 -14.97
N THR A 83 2.35 -32.03 -14.29
CA THR A 83 3.54 -32.27 -13.49
C THR A 83 4.56 -33.16 -14.23
N GLU A 84 4.07 -34.18 -14.95
CA GLU A 84 4.94 -35.15 -15.61
C GLU A 84 5.78 -34.50 -16.69
N MET A 85 5.28 -33.45 -17.30
CA MET A 85 6.04 -32.72 -18.32
C MET A 85 7.38 -32.19 -17.80
N TRP A 86 7.51 -32.02 -16.49
CA TRP A 86 8.74 -31.53 -15.88
C TRP A 86 9.61 -32.65 -15.31
N ASN A 87 9.09 -33.85 -15.25
CA ASN A 87 9.81 -34.95 -14.63
C ASN A 87 10.89 -35.52 -15.53
N PRO A 88 11.90 -36.18 -14.94
CA PRO A 88 12.96 -36.79 -15.75
C PRO A 88 12.46 -37.74 -16.82
N ASN A 89 12.98 -37.61 -18.03
CA ASN A 89 12.59 -38.47 -19.15
C ASN A 89 13.75 -39.35 -19.62
N ARG A 90 14.83 -39.42 -18.85
CA ARG A 90 15.91 -40.39 -19.08
C ARG A 90 16.31 -40.92 -17.72
N GLU A 91 17.16 -41.92 -17.70
CA GLU A 91 17.60 -42.49 -16.43
C GLU A 91 18.32 -41.46 -15.53
N LEU A 92 18.01 -41.54 -14.24
CA LEU A 92 18.68 -40.74 -13.22
C LEU A 92 20.03 -41.35 -12.90
N SER A 93 21.08 -40.54 -12.96
CA SER A 93 22.42 -40.98 -12.70
C SER A 93 23.28 -39.82 -12.24
N GLU A 94 24.29 -40.12 -11.45
CA GLU A 94 25.30 -39.15 -11.10
C GLU A 94 26.25 -38.89 -12.26
N ASP A 95 26.30 -39.82 -13.21
CA ASP A 95 26.98 -39.61 -14.49
C ASP A 95 25.97 -38.95 -15.42
N CYS A 96 26.01 -37.62 -15.46
CA CYS A 96 24.95 -36.85 -16.09
C CYS A 96 25.39 -35.55 -16.79
N LEU A 97 26.69 -35.30 -16.85
CA LEU A 97 27.20 -34.04 -17.36
C LEU A 97 27.39 -34.10 -18.88
N TYR A 98 26.29 -33.90 -19.59
CA TYR A 98 26.26 -34.00 -21.05
C TYR A 98 25.54 -32.78 -21.59
N LEU A 99 25.77 -32.45 -22.85
CA LEU A 99 25.10 -31.31 -23.44
C LEU A 99 24.59 -31.64 -24.85
N ASN A 100 23.71 -30.77 -25.32
CA ASN A 100 22.97 -30.95 -26.55
C ASN A 100 23.13 -29.73 -27.45
N VAL A 101 23.20 -29.99 -28.75
CA VAL A 101 23.32 -28.94 -29.77
C VAL A 101 22.35 -29.22 -30.89
N TRP A 102 21.49 -28.26 -31.19
CA TRP A 102 20.70 -28.29 -32.42
C TRP A 102 21.25 -27.22 -33.34
N THR A 103 21.33 -27.54 -34.63
CA THR A 103 21.73 -26.60 -35.64
C THR A 103 20.87 -26.83 -36.87
N PRO A 104 20.79 -25.83 -37.76
CA PRO A 104 20.19 -26.05 -39.07
C PRO A 104 20.78 -27.23 -39.84
N TYR A 105 19.98 -27.74 -40.78
CA TYR A 105 20.38 -28.78 -41.70
C TYR A 105 20.11 -28.27 -43.12
N PRO A 106 21.17 -28.13 -43.96
CA PRO A 106 22.58 -28.30 -43.61
C PRO A 106 23.03 -27.21 -42.66
N ARG A 107 24.17 -27.41 -41.99
CA ARG A 107 24.69 -26.44 -41.06
C ARG A 107 25.00 -25.15 -41.79
N PRO A 108 24.82 -24.01 -41.10
CA PRO A 108 24.96 -22.71 -41.77
C PRO A 108 26.39 -22.46 -42.28
N ALA A 109 26.48 -21.80 -43.43
CA ALA A 109 27.76 -21.52 -44.08
C ALA A 109 28.55 -20.40 -43.39
N SER A 110 27.83 -19.43 -42.80
CA SER A 110 28.44 -18.35 -42.02
C SER A 110 28.05 -18.46 -40.54
N PRO A 111 28.92 -18.00 -39.63
CA PRO A 111 28.75 -18.23 -38.18
C PRO A 111 27.49 -17.59 -37.58
N THR A 112 26.71 -18.41 -36.86
CA THR A 112 25.40 -18.04 -36.41
C THR A 112 25.35 -17.82 -34.89
N PRO A 113 24.63 -16.77 -34.44
CA PRO A 113 24.45 -16.54 -33.02
C PRO A 113 23.98 -17.79 -32.25
N VAL A 114 24.53 -17.96 -31.06
CA VAL A 114 24.31 -19.15 -30.26
C VAL A 114 23.40 -18.79 -29.07
N LEU A 115 22.41 -19.65 -28.81
CA LEU A 115 21.57 -19.56 -27.63
C LEU A 115 21.87 -20.75 -26.73
N ILE A 116 22.16 -20.46 -25.46
CA ILE A 116 22.43 -21.49 -24.47
C ILE A 116 21.33 -21.42 -23.42
N TRP A 117 20.56 -22.52 -23.33
CA TRP A 117 19.50 -22.67 -22.38
C TRP A 117 19.98 -23.33 -21.09
N ILE A 118 19.57 -22.75 -19.97
CA ILE A 118 19.83 -23.28 -18.64
C ILE A 118 18.48 -23.51 -17.97
N TYR A 119 18.09 -24.78 -17.82
CA TYR A 119 16.81 -25.12 -17.18
C TYR A 119 16.75 -24.73 -15.72
N GLY A 120 15.53 -24.56 -15.24
CA GLY A 120 15.24 -24.35 -13.83
C GLY A 120 14.68 -25.61 -13.19
N GLY A 121 14.07 -25.43 -12.03
CA GLY A 121 13.64 -26.55 -11.15
C GLY A 121 14.20 -26.41 -9.74
N GLY A 122 14.31 -25.16 -9.28
CA GLY A 122 14.67 -24.85 -7.90
C GLY A 122 16.05 -25.28 -7.45
N PHE A 123 16.92 -25.56 -8.41
CA PHE A 123 18.23 -26.15 -8.18
C PHE A 123 18.18 -27.58 -7.63
N TYR A 124 17.01 -28.21 -7.60
CA TYR A 124 16.85 -29.60 -7.12
C TYR A 124 16.33 -30.52 -8.21
N SER A 125 16.02 -29.96 -9.38
CA SER A 125 15.43 -30.75 -10.46
C SER A 125 15.74 -30.14 -11.82
N GLY A 126 15.34 -30.88 -12.86
CA GLY A 126 15.44 -30.39 -14.22
C GLY A 126 16.35 -31.23 -15.09
N ALA A 127 16.16 -31.07 -16.40
CA ALA A 127 16.99 -31.74 -17.41
C ALA A 127 16.92 -30.96 -18.73
N ALA A 128 17.97 -31.02 -19.54
CA ALA A 128 17.95 -30.37 -20.86
C ALA A 128 17.17 -31.19 -21.88
N SER A 129 16.75 -32.39 -21.49
CA SER A 129 16.18 -33.37 -22.42
C SER A 129 14.65 -33.31 -22.48
N LEU A 130 14.04 -32.53 -21.59
CA LEU A 130 12.58 -32.38 -21.55
C LEU A 130 12.07 -31.78 -22.85
N ASP A 131 10.86 -32.19 -23.20
CA ASP A 131 10.24 -31.85 -24.49
C ASP A 131 10.01 -30.36 -24.68
N VAL A 132 9.66 -29.66 -23.61
CA VAL A 132 9.50 -28.21 -23.65
C VAL A 132 10.77 -27.46 -24.02
N TYR A 133 11.93 -28.08 -23.81
CA TYR A 133 13.23 -27.45 -24.14
C TYR A 133 13.80 -27.92 -25.51
N ASP A 134 12.95 -28.51 -26.34
CA ASP A 134 13.36 -28.99 -27.66
C ASP A 134 13.86 -27.85 -28.59
N GLY A 135 15.15 -27.83 -28.88
CA GLY A 135 15.72 -26.78 -29.71
C GLY A 135 15.45 -26.82 -31.21
N ARG A 136 14.68 -27.80 -31.68
CA ARG A 136 14.54 -27.99 -33.14
C ARG A 136 13.83 -26.85 -33.85
N PHE A 137 12.83 -26.23 -33.21
CA PHE A 137 12.03 -25.23 -33.87
C PHE A 137 12.84 -23.94 -34.07
N LEU A 138 13.52 -23.50 -33.02
CA LEU A 138 14.40 -22.33 -33.10
C LEU A 138 15.47 -22.53 -34.15
N ALA A 139 16.15 -23.67 -34.10
CA ALA A 139 17.14 -24.06 -35.11
C ALA A 139 16.56 -23.98 -36.53
N GLN A 140 15.40 -24.60 -36.74
CA GLN A 140 14.83 -24.68 -38.08
C GLN A 140 14.24 -23.36 -38.56
N VAL A 141 13.42 -22.72 -37.73
CA VAL A 141 12.71 -21.53 -38.16
C VAL A 141 13.57 -20.25 -38.14
N GLU A 142 14.39 -20.12 -37.10
CA GLU A 142 15.23 -18.93 -36.94
C GLU A 142 16.70 -19.14 -37.35
N GLY A 143 17.07 -20.36 -37.71
CA GLY A 143 18.46 -20.65 -38.11
C GLY A 143 19.43 -20.64 -36.93
N ALA A 144 18.91 -20.80 -35.72
CA ALA A 144 19.72 -20.70 -34.51
C ALA A 144 20.55 -21.94 -34.22
N VAL A 145 21.69 -21.73 -33.56
CA VAL A 145 22.42 -22.81 -32.93
C VAL A 145 22.04 -22.77 -31.45
N LEU A 146 21.45 -23.86 -30.95
CA LEU A 146 20.98 -23.89 -29.59
C LEU A 146 21.70 -24.97 -28.80
N VAL A 147 22.13 -24.60 -27.59
CA VAL A 147 22.87 -25.47 -26.74
C VAL A 147 22.17 -25.55 -25.39
N SER A 148 22.05 -26.76 -24.84
CA SER A 148 21.56 -26.94 -23.48
C SER A 148 22.41 -27.97 -22.76
N MET A 149 22.73 -27.71 -21.50
CA MET A 149 23.53 -28.61 -20.71
C MET A 149 22.79 -29.09 -19.49
N ASN A 150 23.06 -30.34 -19.12
CA ASN A 150 22.72 -30.85 -17.81
C ASN A 150 23.75 -30.26 -16.82
N TYR A 151 23.26 -29.86 -15.65
CA TYR A 151 24.13 -29.50 -14.52
C TYR A 151 23.60 -30.18 -13.26
N ARG A 152 24.51 -30.46 -12.33
CA ARG A 152 24.16 -31.17 -11.09
C ARG A 152 23.21 -30.36 -10.23
N VAL A 153 22.27 -31.05 -9.60
CA VAL A 153 21.25 -30.39 -8.79
C VAL A 153 21.24 -31.03 -7.41
N GLY A 154 20.48 -30.43 -6.51
CA GLY A 154 20.33 -30.95 -5.17
C GLY A 154 21.64 -30.95 -4.43
N THR A 155 21.82 -31.93 -3.55
CA THR A 155 23.04 -32.07 -2.78
C THR A 155 24.25 -32.23 -3.71
N PHE A 156 24.06 -32.97 -4.81
CA PHE A 156 25.15 -33.27 -5.75
C PHE A 156 25.70 -32.02 -6.41
N GLY A 157 24.81 -31.05 -6.63
CA GLY A 157 25.21 -29.79 -7.25
C GLY A 157 25.58 -28.68 -6.29
N PHE A 158 24.98 -28.70 -5.09
CA PHE A 158 24.98 -27.53 -4.22
C PHE A 158 25.23 -27.72 -2.73
N LEU A 159 25.35 -28.97 -2.27
CA LEU A 159 25.74 -29.24 -0.88
C LEU A 159 27.13 -28.69 -0.67
N ALA A 160 27.28 -27.84 0.34
CA ALA A 160 28.53 -27.12 0.58
C ALA A 160 28.92 -27.15 2.04
N LEU A 161 30.21 -27.37 2.29
CA LEU A 161 30.82 -27.09 3.58
C LEU A 161 31.83 -26.01 3.28
N PRO A 162 31.39 -24.74 3.31
CA PRO A 162 32.22 -23.67 2.76
C PRO A 162 33.59 -23.55 3.42
N GLY A 163 34.62 -23.39 2.60
CA GLY A 163 36.00 -23.37 3.08
C GLY A 163 36.68 -24.72 2.93
N SER A 164 35.89 -25.78 2.83
CA SER A 164 36.42 -27.12 2.58
C SER A 164 36.93 -27.26 1.14
N ARG A 165 37.89 -28.15 0.96
CA ARG A 165 38.39 -28.48 -0.37
C ARG A 165 37.46 -29.48 -1.04
N GLU A 166 36.84 -30.35 -0.23
CA GLU A 166 36.11 -31.51 -0.76
C GLU A 166 34.64 -31.23 -1.10
N ALA A 167 34.09 -30.15 -0.56
CA ALA A 167 32.70 -29.75 -0.86
C ALA A 167 32.56 -28.22 -0.82
N PRO A 168 33.21 -27.53 -1.77
CA PRO A 168 33.29 -26.06 -1.77
C PRO A 168 31.96 -25.36 -2.09
N GLY A 169 31.01 -26.07 -2.69
CA GLY A 169 29.69 -25.50 -3.02
C GLY A 169 29.67 -24.90 -4.42
N ASN A 170 28.48 -24.60 -4.93
CA ASN A 170 28.33 -23.98 -6.27
C ASN A 170 28.86 -24.80 -7.48
N VAL A 171 29.09 -26.09 -7.32
CA VAL A 171 29.71 -26.91 -8.36
C VAL A 171 28.75 -27.14 -9.52
N GLY A 172 27.44 -27.12 -9.23
CA GLY A 172 26.42 -27.13 -10.29
C GLY A 172 26.53 -25.92 -11.20
N LEU A 173 26.92 -24.79 -10.64
CA LEU A 173 27.16 -23.58 -11.44
C LEU A 173 28.46 -23.73 -12.23
N LEU A 174 29.40 -24.45 -11.63
CA LEU A 174 30.68 -24.70 -12.30
C LEU A 174 30.47 -25.66 -13.46
N ASP A 175 29.54 -26.61 -13.32
CA ASP A 175 29.16 -27.46 -14.45
C ASP A 175 28.69 -26.58 -15.61
N GLN A 176 27.78 -25.65 -15.31
CA GLN A 176 27.27 -24.71 -16.32
C GLN A 176 28.39 -23.90 -16.92
N ARG A 177 29.29 -23.39 -16.08
CA ARG A 177 30.45 -22.65 -16.59
C ARG A 177 31.28 -23.52 -17.55
N LEU A 178 31.53 -24.78 -17.19
CA LEU A 178 32.32 -25.67 -18.05
C LEU A 178 31.64 -25.90 -19.40
N ALA A 179 30.31 -26.05 -19.39
CA ALA A 179 29.54 -26.12 -20.63
C ALA A 179 29.69 -24.83 -21.45
N LEU A 180 29.74 -23.66 -20.80
CA LEU A 180 30.00 -22.40 -21.54
C LEU A 180 31.39 -22.35 -22.18
N GLN A 181 32.39 -22.86 -21.47
CA GLN A 181 33.76 -22.97 -22.02
C GLN A 181 33.82 -23.96 -23.20
N TRP A 182 33.08 -25.07 -23.08
CA TRP A 182 32.96 -26.01 -24.20
C TRP A 182 32.42 -25.34 -25.46
N VAL A 183 31.46 -24.44 -25.30
CA VAL A 183 30.87 -23.77 -26.44
C VAL A 183 31.93 -22.84 -27.07
N GLN A 184 32.59 -22.06 -26.25
CA GLN A 184 33.67 -21.21 -26.74
C GLN A 184 34.67 -21.99 -27.59
N GLU A 185 35.10 -23.15 -27.11
CA GLU A 185 36.09 -23.88 -27.87
C GLU A 185 35.52 -24.60 -29.08
N ASN A 186 34.30 -25.12 -28.98
CA ASN A 186 33.81 -26.12 -29.92
C ASN A 186 32.64 -25.74 -30.82
N ILE A 187 31.91 -24.67 -30.51
CA ILE A 187 30.66 -24.39 -31.22
C ILE A 187 30.83 -24.00 -32.71
N ALA A 188 32.00 -23.48 -33.06
CA ALA A 188 32.31 -23.19 -34.44
C ALA A 188 32.29 -24.44 -35.35
N ALA A 189 32.52 -25.63 -34.79
CA ALA A 189 32.46 -26.89 -35.54
C ALA A 189 31.04 -27.18 -36.05
N PHE A 190 30.04 -26.58 -35.42
CA PHE A 190 28.64 -26.73 -35.74
C PHE A 190 28.12 -25.50 -36.50
N GLY A 191 28.99 -24.55 -36.78
CA GLY A 191 28.60 -23.30 -37.44
C GLY A 191 28.13 -22.21 -36.50
N GLY A 192 28.28 -22.43 -35.19
CA GLY A 192 27.96 -21.39 -34.20
C GLY A 192 29.05 -20.34 -34.10
N ASP A 193 28.65 -19.12 -33.73
CA ASP A 193 29.57 -18.00 -33.56
C ASP A 193 29.87 -17.83 -32.09
N PRO A 194 31.11 -18.16 -31.66
CA PRO A 194 31.41 -18.04 -30.23
C PRO A 194 31.49 -16.59 -29.75
N MET A 195 31.51 -15.62 -30.66
CA MET A 195 31.55 -14.20 -30.30
C MET A 195 30.15 -13.61 -30.23
N SER A 196 29.13 -14.46 -30.36
CA SER A 196 27.75 -14.06 -30.13
C SER A 196 26.98 -15.21 -29.48
N VAL A 197 27.03 -15.22 -28.15
CA VAL A 197 26.43 -16.23 -27.29
C VAL A 197 25.51 -15.51 -26.30
N THR A 198 24.27 -15.97 -26.26
CA THR A 198 23.26 -15.40 -25.40
C THR A 198 22.81 -16.53 -24.47
N LEU A 199 22.95 -16.33 -23.16
CA LEU A 199 22.39 -17.25 -22.19
C LEU A 199 20.91 -16.94 -22.01
N PHE A 200 20.09 -17.98 -21.88
CA PHE A 200 18.74 -17.78 -21.44
C PHE A 200 18.32 -18.95 -20.56
N GLY A 201 17.43 -18.66 -19.62
CA GLY A 201 16.97 -19.67 -18.71
C GLY A 201 15.73 -19.21 -17.98
N GLU A 202 15.08 -20.15 -17.30
CA GLU A 202 13.88 -19.86 -16.58
C GLU A 202 13.96 -20.35 -15.16
N SER A 203 13.41 -19.52 -14.28
CA SER A 203 13.36 -19.84 -12.88
C SER A 203 14.78 -19.95 -12.27
N ALA A 204 15.16 -21.09 -11.71
CA ALA A 204 16.55 -21.31 -11.23
C ALA A 204 17.57 -21.16 -12.37
N GLY A 205 17.11 -21.43 -13.59
CA GLY A 205 17.89 -21.21 -14.79
C GLY A 205 18.19 -19.74 -14.97
N ALA A 206 17.17 -18.91 -14.75
CA ALA A 206 17.32 -17.46 -14.82
C ALA A 206 18.24 -16.95 -13.70
N ALA A 207 18.04 -17.48 -12.49
CA ALA A 207 18.92 -17.17 -11.37
C ALA A 207 20.37 -17.48 -11.75
N SER A 208 20.60 -18.65 -12.35
CA SER A 208 21.94 -19.08 -12.79
C SER A 208 22.54 -18.13 -13.82
N VAL A 209 21.72 -17.69 -14.78
CA VAL A 209 22.16 -16.70 -15.77
C VAL A 209 22.64 -15.45 -15.05
N GLY A 210 21.85 -14.98 -14.08
CA GLY A 210 22.19 -13.81 -13.30
C GLY A 210 23.49 -13.98 -12.53
N MET A 211 23.72 -15.18 -12.03
CA MET A 211 24.96 -15.49 -11.34
C MET A 211 26.18 -15.58 -12.25
N HIS A 212 25.98 -15.97 -13.50
CA HIS A 212 27.04 -15.87 -14.49
C HIS A 212 27.33 -14.42 -14.85
N ILE A 213 26.32 -13.56 -14.80
CA ILE A 213 26.56 -12.13 -14.97
C ILE A 213 27.38 -11.57 -13.78
N LEU A 214 27.13 -12.07 -12.58
CA LEU A 214 27.75 -11.51 -11.39
C LEU A 214 29.10 -12.16 -11.05
N SER A 215 29.50 -13.19 -11.80
CA SER A 215 30.75 -13.91 -11.53
C SER A 215 31.71 -13.68 -12.68
N LEU A 216 32.79 -12.97 -12.40
CA LEU A 216 33.67 -12.42 -13.44
C LEU A 216 34.23 -13.45 -14.42
N PRO A 217 34.72 -14.61 -13.92
CA PRO A 217 35.16 -15.67 -14.84
C PRO A 217 34.14 -16.15 -15.87
N SER A 218 32.84 -16.02 -15.60
CA SER A 218 31.81 -16.38 -16.59
C SER A 218 31.64 -15.31 -17.68
N ARG A 219 32.02 -14.07 -17.39
CA ARG A 219 31.69 -12.94 -18.26
C ARG A 219 32.30 -12.99 -19.65
N SER A 220 33.47 -13.60 -19.78
CA SER A 220 34.09 -13.74 -21.10
C SER A 220 33.45 -14.82 -21.96
N LEU A 221 32.54 -15.60 -21.37
CA LEU A 221 32.00 -16.77 -22.05
C LEU A 221 30.68 -16.52 -22.73
N PHE A 222 30.12 -15.32 -22.58
CA PHE A 222 28.82 -14.98 -23.18
C PHE A 222 28.69 -13.48 -23.32
N HIS A 223 27.66 -13.04 -24.06
CA HIS A 223 27.57 -11.62 -24.43
C HIS A 223 26.25 -10.96 -24.06
N ARG A 224 25.20 -11.76 -23.90
CA ARG A 224 23.86 -11.26 -23.60
C ARG A 224 23.12 -12.28 -22.78
N ALA A 225 22.05 -11.84 -22.12
CA ALA A 225 21.36 -12.68 -21.16
C ALA A 225 19.86 -12.43 -21.17
N VAL A 226 19.11 -13.51 -20.98
CA VAL A 226 17.68 -13.47 -20.84
C VAL A 226 17.35 -14.19 -19.54
N LEU A 227 16.66 -13.50 -18.63
CA LEU A 227 16.21 -14.09 -17.38
C LEU A 227 14.68 -14.13 -17.35
N GLN A 228 14.11 -15.32 -17.40
CA GLN A 228 12.65 -15.53 -17.41
C GLN A 228 12.18 -16.04 -16.03
N SER A 229 11.34 -15.27 -15.35
CA SER A 229 10.76 -15.66 -14.06
C SER A 229 11.78 -16.18 -13.05
N GLY A 230 12.88 -15.45 -12.93
CA GLY A 230 13.89 -15.79 -11.93
C GLY A 230 15.02 -14.79 -11.92
N THR A 231 15.73 -14.72 -10.79
CA THR A 231 16.79 -13.72 -10.53
C THR A 231 17.84 -14.24 -9.53
N PRO A 232 19.08 -13.73 -9.61
CA PRO A 232 20.09 -14.18 -8.61
C PRO A 232 19.87 -13.57 -7.21
N ASN A 233 19.35 -12.36 -7.17
CA ASN A 233 18.85 -11.72 -5.96
C ASN A 233 17.46 -12.29 -5.58
N GLY A 234 16.98 -11.96 -4.39
CA GLY A 234 15.72 -12.48 -3.89
C GLY A 234 15.89 -13.51 -2.78
N PRO A 235 14.78 -14.03 -2.24
CA PRO A 235 14.83 -14.80 -0.99
C PRO A 235 15.21 -16.30 -1.08
N TRP A 236 15.29 -16.84 -2.30
CA TRP A 236 15.48 -18.28 -2.50
C TRP A 236 16.73 -18.69 -3.30
N ALA A 237 17.24 -17.81 -4.15
CA ALA A 237 18.32 -18.23 -5.12
C ALA A 237 19.69 -18.51 -4.46
N THR A 238 19.92 -17.95 -3.28
CA THR A 238 21.19 -18.19 -2.56
C THR A 238 20.94 -18.42 -1.11
N VAL A 239 21.96 -18.95 -0.44
CA VAL A 239 22.02 -18.99 1.02
C VAL A 239 23.40 -18.50 1.46
N SER A 240 23.50 -18.08 2.72
CA SER A 240 24.77 -17.70 3.33
C SER A 240 25.64 -18.93 3.54
N ALA A 241 26.92 -18.70 3.80
CA ALA A 241 27.86 -19.78 4.03
C ALA A 241 27.46 -20.53 5.29
N GLY A 242 27.05 -19.80 6.33
CA GLY A 242 26.58 -20.41 7.57
C GLY A 242 25.36 -21.29 7.40
N GLU A 243 24.40 -20.85 6.59
CA GLU A 243 23.18 -21.64 6.36
C GLU A 243 23.46 -22.90 5.52
N ALA A 244 24.29 -22.77 4.49
CA ALA A 244 24.77 -23.92 3.73
C ALA A 244 25.44 -24.97 4.65
N ARG A 245 26.35 -24.52 5.50
CA ARG A 245 27.06 -25.41 6.42
C ARG A 245 26.04 -26.10 7.35
N ARG A 246 25.11 -25.33 7.86
CA ARG A 246 24.09 -25.84 8.75
C ARG A 246 23.22 -26.95 8.09
N ARG A 247 22.83 -26.72 6.83
CA ARG A 247 22.01 -27.71 6.10
C ARG A 247 22.82 -28.95 5.71
N ALA A 248 24.04 -28.74 5.23
CA ALA A 248 24.93 -29.84 4.87
C ALA A 248 25.18 -30.78 6.05
N THR A 249 25.37 -30.22 7.24
CA THR A 249 25.70 -31.07 8.39
C THR A 249 24.44 -31.71 8.97
N LEU A 250 23.28 -31.07 8.86
CA LEU A 250 22.04 -31.72 9.24
C LEU A 250 21.76 -32.92 8.31
N LEU A 251 21.98 -32.73 7.00
CA LEU A 251 21.75 -33.80 6.05
C LEU A 251 22.63 -35.00 6.36
N ALA A 252 23.91 -34.72 6.58
CA ALA A 252 24.88 -35.74 6.96
C ALA A 252 24.40 -36.57 8.15
N ARG A 253 23.97 -35.88 9.23
CA ARG A 253 23.35 -36.54 10.39
C ARG A 253 22.20 -37.47 9.97
N LEU A 254 21.31 -36.97 9.12
CA LEU A 254 20.09 -37.72 8.79
C LEU A 254 20.37 -38.99 8.02
N VAL A 255 21.53 -39.03 7.36
CA VAL A 255 21.96 -40.21 6.60
C VAL A 255 23.05 -41.02 7.31
N GLY A 256 23.36 -40.67 8.55
CA GLY A 256 24.24 -41.47 9.39
C GLY A 256 25.72 -41.11 9.39
N CYS A 257 26.03 -39.86 9.03
CA CYS A 257 27.40 -39.36 8.95
C CYS A 257 27.65 -38.34 10.06
N PRO A 258 28.65 -38.58 10.93
CA PRO A 258 28.70 -37.79 12.17
C PRO A 258 29.13 -36.33 11.93
N ASN A 265 35.74 -31.68 11.79
CA ASN A 265 36.54 -32.01 10.60
C ASN A 265 35.64 -32.33 9.39
N ASP A 266 35.77 -31.53 8.33
CA ASP A 266 34.92 -31.68 7.14
C ASP A 266 35.32 -32.84 6.24
N THR A 267 36.61 -33.15 6.18
CA THR A 267 37.08 -34.26 5.36
C THR A 267 36.38 -35.56 5.71
N GLU A 268 36.25 -35.84 7.00
CA GLU A 268 35.67 -37.09 7.48
C GLU A 268 34.16 -37.15 7.21
N LEU A 269 33.49 -36.01 7.35
CA LEU A 269 32.05 -35.90 7.11
C LEU A 269 31.70 -36.10 5.63
N ILE A 270 32.45 -35.40 4.77
CA ILE A 270 32.24 -35.45 3.33
C ILE A 270 32.57 -36.84 2.80
N ALA A 271 33.65 -37.43 3.31
CA ALA A 271 34.04 -38.78 2.89
C ALA A 271 32.96 -39.79 3.24
N CYS A 272 32.33 -39.63 4.40
CA CYS A 272 31.22 -40.48 4.78
C CYS A 272 30.00 -40.21 3.87
N LEU A 273 29.74 -38.95 3.54
CA LEU A 273 28.66 -38.61 2.59
C LEU A 273 28.88 -39.23 1.18
N ARG A 274 30.15 -39.35 0.76
CA ARG A 274 30.48 -39.94 -0.54
C ARG A 274 30.23 -41.45 -0.58
N THR A 275 30.15 -42.10 0.58
CA THR A 275 29.83 -43.52 0.62
C THR A 275 28.32 -43.80 0.57
N ARG A 276 27.50 -42.77 0.67
CA ARG A 276 26.05 -42.96 0.79
C ARG A 276 25.42 -43.10 -0.60
N PRO A 277 24.45 -44.02 -0.75
CA PRO A 277 23.71 -44.12 -2.02
C PRO A 277 23.05 -42.81 -2.42
N ALA A 278 23.01 -42.52 -3.71
CA ALA A 278 22.43 -41.27 -4.21
C ALA A 278 21.01 -41.08 -3.70
N GLN A 279 20.24 -42.17 -3.68
CA GLN A 279 18.84 -42.05 -3.31
C GLN A 279 18.67 -41.68 -1.84
N ASP A 280 19.60 -42.12 -0.97
CA ASP A 280 19.59 -41.73 0.46
C ASP A 280 19.69 -40.23 0.65
N LEU A 281 20.51 -39.59 -0.17
CA LEU A 281 20.66 -38.14 -0.11
C LEU A 281 19.37 -37.45 -0.56
N VAL A 282 18.80 -37.91 -1.68
CA VAL A 282 17.54 -37.32 -2.19
C VAL A 282 16.40 -37.50 -1.18
N ASP A 283 16.32 -38.67 -0.56
CA ASP A 283 15.25 -38.95 0.43
C ASP A 283 15.24 -38.00 1.65
N HIS A 284 16.37 -37.38 2.00
CA HIS A 284 16.38 -36.43 3.13
C HIS A 284 16.57 -34.97 2.75
N GLU A 285 16.64 -34.70 1.46
CA GLU A 285 16.90 -33.36 0.93
C GLU A 285 15.97 -32.26 1.51
N TRP A 286 14.68 -32.53 1.53
CA TRP A 286 13.67 -31.58 2.03
C TRP A 286 13.62 -31.49 3.57
N HIS A 287 14.33 -32.37 4.26
CA HIS A 287 14.24 -32.39 5.72
C HIS A 287 15.08 -31.32 6.42
N VAL A 288 15.85 -30.54 5.66
CA VAL A 288 16.82 -29.62 6.25
C VAL A 288 16.42 -28.14 6.17
N LEU A 289 15.26 -27.84 5.58
CA LEU A 289 14.78 -26.46 5.50
C LEU A 289 14.43 -25.94 6.88
N PRO A 290 14.77 -24.68 7.19
CA PRO A 290 14.58 -24.19 8.55
C PRO A 290 13.14 -24.03 8.99
N GLN A 291 12.26 -23.63 8.08
CA GLN A 291 10.83 -23.48 8.39
C GLN A 291 9.97 -24.26 7.41
N GLU A 292 8.72 -24.50 7.81
CA GLU A 292 7.70 -24.94 6.87
C GLU A 292 7.53 -23.84 5.82
N SER A 293 7.66 -24.19 4.54
CA SER A 293 7.82 -23.17 3.51
C SER A 293 7.45 -23.66 2.11
N ILE A 294 7.10 -22.74 1.23
CA ILE A 294 7.09 -23.00 -0.20
C ILE A 294 8.08 -22.02 -0.88
N PHE A 295 8.48 -22.37 -2.10
CA PHE A 295 9.44 -21.57 -2.86
C PHE A 295 10.75 -21.42 -2.08
N ARG A 296 11.12 -22.47 -1.35
CA ARG A 296 12.42 -22.58 -0.72
C ARG A 296 12.99 -23.97 -0.98
N PHE A 297 14.29 -24.00 -1.28
CA PHE A 297 14.97 -25.18 -1.75
C PHE A 297 16.24 -25.38 -0.93
N SER A 298 16.51 -26.64 -0.59
CA SER A 298 17.51 -26.95 0.41
C SER A 298 18.93 -26.66 -0.03
N PHE A 299 19.27 -27.06 -1.25
CA PHE A 299 20.65 -26.94 -1.75
C PHE A 299 20.70 -26.08 -3.01
N VAL A 300 21.20 -24.85 -2.82
CA VAL A 300 21.19 -23.79 -3.83
C VAL A 300 22.56 -23.07 -3.82
N PRO A 301 22.81 -22.18 -4.80
CA PRO A 301 24.06 -21.42 -4.73
C PRO A 301 24.38 -20.80 -3.36
N VAL A 302 25.64 -20.91 -2.97
CA VAL A 302 26.13 -20.35 -1.71
C VAL A 302 27.01 -19.13 -1.99
N VAL A 303 26.82 -18.10 -1.16
CA VAL A 303 27.66 -16.92 -1.18
C VAL A 303 28.92 -17.39 -0.50
N ASP A 304 29.87 -17.82 -1.33
CA ASP A 304 31.11 -18.47 -0.90
C ASP A 304 32.29 -17.51 -0.86
N GLY A 305 32.12 -16.30 -1.42
CA GLY A 305 33.21 -15.34 -1.50
C GLY A 305 34.20 -15.70 -2.59
N ASP A 306 33.75 -16.50 -3.57
CA ASP A 306 34.61 -17.03 -4.64
C ASP A 306 33.81 -16.98 -5.95
N PHE A 307 32.96 -17.98 -6.24
CA PHE A 307 32.04 -17.83 -7.38
C PHE A 307 31.23 -16.56 -7.17
N LEU A 308 30.67 -16.41 -5.97
CA LEU A 308 29.95 -15.21 -5.60
C LEU A 308 30.78 -14.46 -4.57
N SER A 309 31.49 -13.43 -5.03
CA SER A 309 32.37 -12.65 -4.16
C SER A 309 31.61 -11.95 -3.04
N ASP A 310 30.34 -11.62 -3.28
CA ASP A 310 29.46 -11.04 -2.27
C ASP A 310 28.04 -11.55 -2.51
N THR A 311 27.08 -11.11 -1.69
CA THR A 311 25.68 -11.41 -1.95
C THR A 311 25.31 -10.82 -3.31
N PRO A 312 24.42 -11.49 -4.07
CA PRO A 312 23.87 -10.90 -5.29
C PRO A 312 23.26 -9.51 -5.09
N GLU A 313 22.68 -9.26 -3.92
CA GLU A 313 22.13 -7.93 -3.59
C GLU A 313 23.24 -6.89 -3.63
N ALA A 314 24.37 -7.21 -3.01
CA ALA A 314 25.52 -6.31 -2.98
C ALA A 314 26.04 -6.10 -4.39
N LEU A 315 26.21 -7.19 -5.14
CA LEU A 315 26.82 -7.14 -6.46
C LEU A 315 25.96 -6.43 -7.51
N ILE A 316 24.63 -6.57 -7.44
CA ILE A 316 23.77 -5.78 -8.34
C ILE A 316 23.69 -4.28 -7.95
N ASN A 317 23.77 -3.96 -6.66
CA ASN A 317 23.71 -2.56 -6.22
C ASN A 317 24.99 -1.79 -6.59
N THR A 318 26.13 -2.47 -6.70
CA THR A 318 27.42 -1.79 -6.94
C THR A 318 28.10 -2.15 -8.27
N GLY A 319 27.52 -3.06 -9.04
CA GLY A 319 28.15 -3.52 -10.28
C GLY A 319 28.18 -2.49 -11.39
N ASP A 320 29.12 -2.66 -12.32
CA ASP A 320 29.21 -1.87 -13.54
C ASP A 320 28.79 -2.78 -14.70
N PHE A 321 27.63 -2.50 -15.30
CA PHE A 321 27.02 -3.42 -16.28
C PHE A 321 26.85 -2.77 -17.65
N GLN A 322 27.87 -2.00 -18.04
CA GLN A 322 27.73 -1.01 -19.10
C GLN A 322 27.68 -1.63 -20.49
N ASP A 323 28.49 -2.65 -20.74
CA ASP A 323 28.49 -3.29 -22.04
C ASP A 323 27.67 -4.62 -21.98
N LEU A 324 26.48 -4.52 -21.38
CA LEU A 324 25.61 -5.69 -21.16
C LEU A 324 24.18 -5.40 -21.60
N GLN A 325 23.63 -6.28 -22.43
CA GLN A 325 22.22 -6.20 -22.78
C GLN A 325 21.50 -7.36 -22.16
N VAL A 326 20.33 -7.07 -21.58
CA VAL A 326 19.56 -8.06 -20.82
C VAL A 326 18.06 -7.97 -21.10
N LEU A 327 17.43 -9.13 -21.25
CA LEU A 327 15.99 -9.28 -21.40
C LEU A 327 15.44 -10.01 -20.16
N VAL A 328 14.41 -9.46 -19.54
CA VAL A 328 13.91 -9.99 -18.27
C VAL A 328 12.40 -9.92 -18.28
N GLY A 329 11.75 -10.87 -17.63
CA GLY A 329 10.33 -10.79 -17.49
C GLY A 329 9.70 -11.82 -16.59
N VAL A 330 8.37 -11.78 -16.55
CA VAL A 330 7.57 -12.56 -15.66
C VAL A 330 6.30 -13.01 -16.37
N VAL A 331 5.65 -14.01 -15.81
CA VAL A 331 4.32 -14.44 -16.27
C VAL A 331 3.26 -13.78 -15.39
N LYS A 332 2.01 -13.81 -15.83
CA LYS A 332 0.95 -13.06 -15.16
C LYS A 332 0.72 -13.61 -13.75
N ASP A 333 0.87 -14.92 -13.56
CA ASP A 333 0.55 -15.56 -12.28
C ASP A 333 1.71 -16.42 -11.73
N GLU A 334 2.76 -15.76 -11.29
CA GLU A 334 3.96 -16.45 -10.82
C GLU A 334 3.71 -17.39 -9.61
N GLY A 335 2.85 -16.98 -8.67
CA GLY A 335 2.67 -17.70 -7.43
C GLY A 335 1.78 -18.94 -7.45
N SER A 336 0.84 -19.02 -8.39
CA SER A 336 -0.25 -19.99 -8.29
C SER A 336 0.24 -21.43 -8.23
N TYR A 337 1.17 -21.76 -9.12
CA TYR A 337 1.73 -23.12 -9.20
C TYR A 337 2.30 -23.61 -7.87
N PHE A 338 2.93 -22.70 -7.14
CA PHE A 338 3.60 -23.03 -5.90
C PHE A 338 2.66 -23.28 -4.73
N LEU A 339 1.43 -22.78 -4.84
CA LEU A 339 0.49 -22.88 -3.72
C LEU A 339 0.06 -24.31 -3.43
N VAL A 340 0.04 -25.16 -4.46
CA VAL A 340 -0.42 -26.54 -4.33
C VAL A 340 0.67 -27.48 -3.82
N TYR A 341 1.90 -26.99 -3.72
CA TYR A 341 3.00 -27.77 -3.15
C TYR A 341 3.29 -27.42 -1.68
N GLY A 342 2.26 -27.07 -0.91
CA GLY A 342 2.48 -26.77 0.51
C GLY A 342 1.54 -25.86 1.27
N VAL A 343 0.74 -25.02 0.59
CA VAL A 343 -0.21 -24.16 1.32
C VAL A 343 -1.55 -24.87 1.58
N PRO A 344 -1.90 -25.13 2.85
CA PRO A 344 -3.17 -25.80 3.05
C PRO A 344 -4.36 -25.01 2.50
N GLY A 345 -5.28 -25.74 1.85
CA GLY A 345 -6.46 -25.14 1.26
C GLY A 345 -6.43 -25.10 -0.25
N PHE A 346 -5.27 -25.41 -0.82
CA PHE A 346 -5.01 -25.25 -2.26
C PHE A 346 -4.82 -26.60 -2.97
N SER A 347 -5.42 -26.74 -4.16
CA SER A 347 -5.41 -27.98 -4.93
C SER A 347 -5.68 -27.67 -6.40
N LYS A 348 -5.13 -28.48 -7.30
CA LYS A 348 -5.40 -28.32 -8.72
C LYS A 348 -6.81 -28.81 -9.07
N ASP A 349 -7.40 -29.65 -8.20
CA ASP A 349 -8.65 -30.37 -8.48
C ASP A 349 -9.92 -29.69 -7.93
N ASN A 350 -9.76 -28.54 -7.27
CA ASN A 350 -10.88 -27.65 -6.96
C ASN A 350 -10.46 -26.19 -7.15
N GLU A 351 -11.38 -25.27 -6.86
CA GLU A 351 -11.20 -23.83 -7.09
C GLU A 351 -10.34 -23.14 -6.05
N SER A 352 -10.01 -23.86 -4.97
CA SER A 352 -9.06 -23.39 -3.95
C SER A 352 -9.50 -22.07 -3.28
N LEU A 353 -10.81 -21.92 -3.13
CA LEU A 353 -11.37 -20.83 -2.37
C LEU A 353 -11.02 -21.05 -0.91
N ILE A 354 -10.33 -20.09 -0.32
CA ILE A 354 -9.82 -20.24 1.03
C ILE A 354 -10.45 -19.26 2.02
N SER A 355 -10.36 -19.59 3.29
CA SER A 355 -10.79 -18.71 4.37
C SER A 355 -9.70 -17.69 4.68
N ARG A 356 -10.06 -16.70 5.47
CA ARG A 356 -9.09 -15.74 5.95
C ARG A 356 -8.03 -16.38 6.82
N ALA A 357 -8.44 -17.31 7.69
CA ALA A 357 -7.49 -18.04 8.52
C ALA A 357 -6.46 -18.78 7.64
N GLN A 358 -6.93 -19.41 6.57
CA GLN A 358 -6.05 -20.12 5.68
C GLN A 358 -5.11 -19.17 4.96
N PHE A 359 -5.59 -17.98 4.62
CA PHE A 359 -4.74 -16.92 4.09
C PHE A 359 -3.62 -16.53 5.04
N LEU A 360 -3.96 -16.19 6.29
CA LEU A 360 -2.95 -15.84 7.29
C LEU A 360 -1.93 -16.96 7.50
N ALA A 361 -2.40 -18.20 7.58
CA ALA A 361 -1.51 -19.38 7.68
C ALA A 361 -0.63 -19.52 6.43
N GLY A 362 -1.24 -19.34 5.26
CA GLY A 362 -0.52 -19.42 4.00
C GLY A 362 0.61 -18.39 3.88
N VAL A 363 0.37 -17.19 4.38
CA VAL A 363 1.36 -16.11 4.35
C VAL A 363 2.60 -16.47 5.17
N ARG A 364 2.43 -17.14 6.30
CA ARG A 364 3.57 -17.58 7.10
C ARG A 364 4.41 -18.61 6.33
N ILE A 365 3.74 -19.47 5.56
CA ILE A 365 4.42 -20.51 4.77
C ILE A 365 5.05 -19.88 3.51
N GLY A 366 4.38 -18.89 2.95
CA GLY A 366 4.82 -18.23 1.72
C GLY A 366 5.88 -17.17 1.91
N VAL A 367 6.01 -16.66 3.13
CA VAL A 367 7.04 -15.69 3.53
C VAL A 367 7.68 -16.25 4.81
N PRO A 368 8.36 -17.39 4.69
CA PRO A 368 8.82 -18.13 5.87
C PRO A 368 9.84 -17.41 6.74
N GLN A 369 10.60 -16.48 6.16
CA GLN A 369 11.60 -15.73 6.95
C GLN A 369 11.04 -14.47 7.61
N ALA A 370 9.74 -14.23 7.47
CA ALA A 370 9.10 -13.02 8.01
C ALA A 370 8.73 -13.15 9.48
N SER A 371 9.02 -12.09 10.24
CA SER A 371 8.58 -11.96 11.61
C SER A 371 7.06 -11.89 11.68
N ASP A 372 6.51 -11.84 12.89
CA ASP A 372 5.08 -11.70 13.07
C ASP A 372 4.61 -10.36 12.51
N LEU A 373 5.38 -9.31 12.81
CA LEU A 373 5.09 -7.95 12.34
C LEU A 373 5.12 -7.83 10.81
N ALA A 374 6.16 -8.41 10.19
CA ALA A 374 6.30 -8.39 8.73
C ALA A 374 5.17 -9.14 8.07
N ALA A 375 4.81 -10.29 8.63
CA ALA A 375 3.73 -11.10 8.10
C ALA A 375 2.41 -10.34 8.15
N GLU A 376 2.20 -9.58 9.22
CA GLU A 376 0.98 -8.78 9.32
C GLU A 376 1.01 -7.59 8.37
N ALA A 377 2.18 -7.03 8.10
CA ALA A 377 2.31 -6.00 7.07
C ALA A 377 1.86 -6.56 5.72
N VAL A 378 2.30 -7.77 5.40
CA VAL A 378 1.94 -8.46 4.15
C VAL A 378 0.43 -8.64 4.10
N VAL A 379 -0.15 -9.17 5.17
CA VAL A 379 -1.60 -9.44 5.21
C VAL A 379 -2.41 -8.15 5.02
N LEU A 380 -1.96 -7.08 5.68
CA LEU A 380 -2.65 -5.82 5.65
C LEU A 380 -2.51 -5.19 4.26
N HIS A 381 -1.37 -5.39 3.62
CA HIS A 381 -1.17 -4.87 2.26
C HIS A 381 -1.98 -5.61 1.19
N TYR A 382 -2.07 -6.92 1.30
CA TYR A 382 -2.73 -7.72 0.27
C TYR A 382 -4.22 -7.90 0.49
N THR A 383 -4.69 -7.65 1.72
CA THR A 383 -6.13 -7.68 1.96
C THR A 383 -6.81 -6.57 1.16
N ASP A 384 -7.91 -6.94 0.52
CA ASP A 384 -8.87 -5.99 0.00
C ASP A 384 -9.83 -5.63 1.12
N TRP A 385 -9.70 -4.41 1.66
CA TRP A 385 -10.46 -4.06 2.87
C TRP A 385 -11.94 -3.75 2.61
N LEU A 386 -12.36 -3.74 1.35
CA LEU A 386 -13.80 -3.78 1.01
C LEU A 386 -14.37 -5.19 1.14
N HIS A 387 -13.54 -6.21 0.87
CA HIS A 387 -13.98 -7.59 0.88
C HIS A 387 -12.95 -8.43 1.59
N PRO A 388 -12.67 -8.12 2.87
CA PRO A 388 -11.58 -8.78 3.58
C PRO A 388 -11.72 -10.30 3.70
N GLU A 389 -12.92 -10.83 3.47
CA GLU A 389 -13.20 -12.24 3.69
C GLU A 389 -13.69 -12.97 2.44
N ASP A 390 -13.63 -12.34 1.28
CA ASP A 390 -14.02 -13.01 0.04
C ASP A 390 -13.01 -14.10 -0.30
N PRO A 391 -13.47 -15.37 -0.38
CA PRO A 391 -12.58 -16.49 -0.65
C PRO A 391 -11.80 -16.42 -1.96
N THR A 392 -12.42 -15.88 -3.01
CA THR A 392 -11.76 -15.73 -4.31
C THR A 392 -10.64 -14.69 -4.23
N HIS A 393 -10.89 -13.53 -3.62
CA HIS A 393 -9.83 -12.55 -3.45
C HIS A 393 -8.71 -13.08 -2.57
N LEU A 394 -9.04 -13.83 -1.52
CA LEU A 394 -8.00 -14.36 -0.63
C LEU A 394 -7.08 -15.33 -1.38
N ARG A 395 -7.69 -16.20 -2.18
CA ARG A 395 -6.95 -17.16 -3.00
C ARG A 395 -5.99 -16.45 -3.96
N ASP A 396 -6.51 -15.42 -4.64
CA ASP A 396 -5.73 -14.67 -5.60
C ASP A 396 -4.66 -13.82 -4.90
N ALA A 397 -4.96 -13.28 -3.72
CA ALA A 397 -3.97 -12.53 -2.92
C ALA A 397 -2.83 -13.44 -2.46
N MET A 398 -3.15 -14.69 -2.12
CA MET A 398 -2.15 -15.67 -1.74
C MET A 398 -1.19 -15.95 -2.90
N SER A 399 -1.74 -16.07 -4.09
CA SER A 399 -0.92 -16.27 -5.27
C SER A 399 0.01 -15.08 -5.49
N ALA A 400 -0.55 -13.89 -5.38
CA ALA A 400 0.19 -12.62 -5.59
C ALA A 400 1.30 -12.44 -4.56
N VAL A 401 1.00 -12.68 -3.30
CA VAL A 401 2.04 -12.63 -2.26
C VAL A 401 3.26 -13.45 -2.64
N VAL A 402 3.02 -14.69 -3.03
CA VAL A 402 4.11 -15.64 -3.28
C VAL A 402 4.87 -15.30 -4.54
N GLY A 403 4.13 -14.97 -5.58
CA GLY A 403 4.74 -14.54 -6.84
C GLY A 403 5.51 -13.25 -6.73
N ASP A 404 4.98 -12.27 -5.99
CA ASP A 404 5.63 -10.96 -5.87
C ASP A 404 6.90 -11.06 -5.04
N HIS A 405 6.78 -11.70 -3.89
CA HIS A 405 7.90 -11.90 -2.99
C HIS A 405 9.06 -12.60 -3.69
N ASN A 406 8.76 -13.69 -4.39
CA ASN A 406 9.79 -14.58 -4.92
C ASN A 406 10.24 -14.32 -6.33
N VAL A 407 9.42 -13.68 -7.16
CA VAL A 407 9.76 -13.46 -8.57
C VAL A 407 9.59 -12.02 -9.04
N VAL A 408 8.34 -11.52 -8.98
CA VAL A 408 8.02 -10.25 -9.64
C VAL A 408 8.81 -9.10 -9.04
N CYS A 409 8.98 -9.07 -7.72
CA CYS A 409 9.68 -7.93 -7.12
C CYS A 409 11.19 -8.03 -7.15
N PRO A 410 11.77 -9.22 -6.94
CA PRO A 410 13.17 -9.41 -7.30
C PRO A 410 13.50 -9.08 -8.76
N VAL A 411 12.62 -9.41 -9.70
CA VAL A 411 12.87 -9.01 -11.08
C VAL A 411 12.85 -7.48 -11.27
N ALA A 412 11.90 -6.80 -10.62
CA ALA A 412 11.82 -5.34 -10.69
C ALA A 412 13.07 -4.69 -10.11
N GLN A 413 13.50 -5.19 -8.97
CA GLN A 413 14.75 -4.81 -8.33
C GLN A 413 15.92 -5.02 -9.28
N LEU A 414 16.02 -6.23 -9.84
CA LEU A 414 17.09 -6.51 -10.80
C LEU A 414 17.09 -5.52 -11.96
N ALA A 415 15.96 -5.40 -12.65
CA ALA A 415 15.85 -4.50 -13.82
C ALA A 415 16.27 -3.06 -13.51
N GLY A 416 15.88 -2.58 -12.34
CA GLY A 416 16.18 -1.21 -11.90
C GLY A 416 17.65 -0.98 -11.64
N ARG A 417 18.29 -1.91 -10.94
CA ARG A 417 19.71 -1.77 -10.66
C ARG A 417 20.52 -1.89 -11.96
N LEU A 418 20.19 -2.88 -12.77
CA LEU A 418 20.87 -3.09 -14.07
C LEU A 418 20.79 -1.84 -14.95
N ALA A 419 19.58 -1.29 -15.09
CA ALA A 419 19.36 -0.10 -15.89
C ALA A 419 20.07 1.15 -15.33
N ALA A 420 20.03 1.31 -14.00
CA ALA A 420 20.66 2.45 -13.35
C ALA A 420 22.20 2.39 -13.44
N GLN A 421 22.73 1.20 -13.69
CA GLN A 421 24.18 0.99 -13.73
C GLN A 421 24.70 0.59 -15.11
N GLY A 422 24.06 1.10 -16.16
CA GLY A 422 24.61 1.06 -17.51
C GLY A 422 24.07 0.03 -18.49
N ALA A 423 23.28 -0.93 -18.01
CA ALA A 423 22.78 -2.00 -18.87
C ALA A 423 21.63 -1.54 -19.75
N ARG A 424 21.51 -2.18 -20.90
CA ARG A 424 20.32 -2.07 -21.74
C ARG A 424 19.41 -3.21 -21.34
N VAL A 425 18.25 -2.85 -20.79
CA VAL A 425 17.32 -3.79 -20.23
C VAL A 425 16.02 -3.72 -21.02
N TYR A 426 15.47 -4.89 -21.36
CA TYR A 426 14.14 -5.00 -21.95
C TYR A 426 13.31 -5.92 -21.05
N ALA A 427 12.11 -5.47 -20.68
CA ALA A 427 11.27 -6.19 -19.73
C ALA A 427 9.92 -6.52 -20.32
N TYR A 428 9.35 -7.67 -19.93
CA TYR A 428 8.03 -8.11 -20.39
C TYR A 428 7.21 -8.70 -19.25
N ILE A 429 5.89 -8.71 -19.46
CA ILE A 429 5.00 -9.59 -18.72
C ILE A 429 4.31 -10.46 -19.76
N PHE A 430 4.36 -11.77 -19.58
CA PHE A 430 3.78 -12.74 -20.49
C PHE A 430 2.42 -13.11 -19.95
N GLU A 431 1.38 -12.91 -20.75
CA GLU A 431 0.00 -13.02 -20.26
C GLU A 431 -0.87 -13.92 -21.09
N HIS A 432 -0.30 -14.79 -21.92
CA HIS A 432 -1.15 -15.71 -22.65
C HIS A 432 -1.22 -17.09 -21.99
N ARG A 433 -2.45 -17.54 -21.68
CA ARG A 433 -2.68 -18.87 -21.14
C ARG A 433 -2.85 -19.88 -22.26
N ALA A 434 -1.98 -20.90 -22.26
CA ALA A 434 -1.99 -21.89 -23.33
C ALA A 434 -3.38 -22.52 -23.38
N SER A 435 -3.91 -22.66 -24.59
CA SER A 435 -5.18 -23.38 -24.79
C SER A 435 -5.10 -24.86 -24.35
N THR A 436 -3.89 -25.41 -24.33
CA THR A 436 -3.63 -26.80 -24.00
C THR A 436 -3.28 -27.02 -22.53
N LEU A 437 -3.34 -25.96 -21.72
CA LEU A 437 -2.89 -26.05 -20.33
C LEU A 437 -3.80 -27.00 -19.56
N THR A 438 -3.21 -27.86 -18.75
CA THR A 438 -3.95 -28.91 -18.03
C THR A 438 -4.15 -28.51 -16.58
N TRP A 439 -3.36 -27.56 -16.09
CA TRP A 439 -3.59 -26.95 -14.77
C TRP A 439 -4.93 -26.19 -14.79
N PRO A 440 -5.57 -26.03 -13.62
CA PRO A 440 -6.88 -25.40 -13.55
C PRO A 440 -6.89 -23.92 -13.89
N LEU A 441 -8.06 -23.38 -14.19
CA LEU A 441 -8.21 -22.01 -14.65
C LEU A 441 -7.81 -20.98 -13.60
N TRP A 442 -7.99 -21.31 -12.31
CA TRP A 442 -7.69 -20.34 -11.27
C TRP A 442 -6.21 -19.97 -11.21
N MET A 443 -5.36 -20.88 -11.69
CA MET A 443 -3.91 -20.61 -11.67
C MET A 443 -3.50 -19.60 -12.74
N GLY A 444 -4.43 -19.24 -13.63
CA GLY A 444 -4.17 -18.21 -14.64
C GLY A 444 -3.05 -18.59 -15.60
N VAL A 445 -2.02 -17.75 -15.67
CA VAL A 445 -0.86 -18.02 -16.52
C VAL A 445 0.28 -18.37 -15.58
N PRO A 446 0.46 -19.67 -15.30
CA PRO A 446 1.36 -20.02 -14.24
C PRO A 446 2.82 -20.01 -14.65
N HIS A 447 3.66 -19.97 -13.64
CA HIS A 447 5.08 -20.13 -13.75
C HIS A 447 5.44 -21.37 -14.63
N GLY A 448 6.30 -21.17 -15.61
CA GLY A 448 6.75 -22.23 -16.50
C GLY A 448 6.07 -22.27 -17.86
N TYR A 449 4.94 -21.59 -18.02
CA TYR A 449 4.10 -21.80 -19.22
C TYR A 449 4.27 -20.78 -20.34
N GLU A 450 5.34 -19.99 -20.26
CA GLU A 450 5.79 -19.22 -21.42
C GLU A 450 6.78 -20.02 -22.27
N ILE A 451 7.47 -20.98 -21.63
CA ILE A 451 8.64 -21.63 -22.23
C ILE A 451 8.30 -22.35 -23.55
N GLU A 452 7.20 -23.11 -23.53
CA GLU A 452 6.72 -23.84 -24.72
C GLU A 452 6.49 -22.91 -25.92
N PHE A 453 6.11 -21.66 -25.66
CA PHE A 453 6.01 -20.65 -26.74
C PHE A 453 7.37 -20.11 -27.24
N ILE A 454 8.28 -19.77 -26.33
CA ILE A 454 9.60 -19.28 -26.74
C ILE A 454 10.29 -20.32 -27.63
N PHE A 455 10.16 -21.59 -27.24
CA PHE A 455 10.80 -22.71 -27.96
C PHE A 455 10.03 -23.13 -29.20
N GLY A 456 8.82 -22.62 -29.38
CA GLY A 456 8.07 -22.83 -30.62
C GLY A 456 7.36 -24.15 -30.74
N LEU A 457 7.09 -24.81 -29.62
CA LEU A 457 6.27 -26.05 -29.63
C LEU A 457 4.93 -25.92 -30.40
N PRO A 458 4.23 -24.78 -30.25
CA PRO A 458 3.01 -24.58 -31.03
C PRO A 458 3.15 -24.77 -32.54
N LEU A 459 4.36 -24.67 -33.09
CA LEU A 459 4.58 -24.95 -34.51
C LEU A 459 4.33 -26.41 -34.90
N ASP A 460 4.33 -27.32 -33.94
CA ASP A 460 4.12 -28.75 -34.22
C ASP A 460 2.62 -29.01 -34.24
N PRO A 461 2.06 -29.29 -35.43
CA PRO A 461 0.59 -29.30 -35.52
C PRO A 461 -0.03 -30.48 -34.77
N SER A 462 0.75 -31.54 -34.53
CA SER A 462 0.30 -32.65 -33.70
C SER A 462 0.03 -32.28 -32.23
N LEU A 463 0.54 -31.13 -31.77
CA LEU A 463 0.32 -30.67 -30.38
C LEU A 463 -1.00 -29.89 -30.14
N ASN A 464 -1.70 -29.48 -31.19
CA ASN A 464 -3.10 -28.95 -31.06
C ASN A 464 -3.24 -27.56 -30.47
N TYR A 465 -2.20 -26.74 -30.60
CA TYR A 465 -2.34 -25.32 -30.34
C TYR A 465 -3.21 -24.70 -31.42
N THR A 466 -3.81 -23.56 -31.12
CA THR A 466 -4.57 -22.81 -32.10
C THR A 466 -3.62 -22.14 -33.11
N THR A 467 -4.16 -21.78 -34.26
CA THR A 467 -3.43 -21.06 -35.30
C THR A 467 -2.84 -19.75 -34.76
N GLU A 468 -3.62 -19.08 -33.93
CA GLU A 468 -3.22 -17.79 -33.34
C GLU A 468 -2.00 -18.01 -32.44
N GLU A 469 -2.01 -19.12 -31.68
CA GLU A 469 -0.87 -19.49 -30.83
C GLU A 469 0.39 -19.82 -31.61
N ARG A 470 0.22 -20.46 -32.76
CA ARG A 470 1.32 -20.67 -33.71
C ARG A 470 1.95 -19.35 -34.12
N ILE A 471 1.13 -18.37 -34.48
CA ILE A 471 1.60 -17.05 -34.92
C ILE A 471 2.28 -16.29 -33.77
N PHE A 472 1.73 -16.45 -32.56
CA PHE A 472 2.26 -15.87 -31.33
C PHE A 472 3.63 -16.48 -30.98
N ALA A 473 3.76 -17.79 -31.08
CA ALA A 473 5.07 -18.44 -30.85
C ALA A 473 6.12 -17.88 -31.83
N GLN A 474 5.76 -17.79 -33.11
CA GLN A 474 6.66 -17.26 -34.12
C GLN A 474 7.15 -15.85 -33.77
N ARG A 475 6.22 -15.00 -33.33
CA ARG A 475 6.57 -13.69 -32.76
C ARG A 475 7.60 -13.73 -31.63
N LEU A 476 7.36 -14.57 -30.61
CA LEU A 476 8.26 -14.65 -29.44
C LEU A 476 9.66 -15.15 -29.83
N MET A 477 9.69 -16.16 -30.70
CA MET A 477 10.93 -16.72 -31.22
C MET A 477 11.72 -15.64 -31.96
N LYS A 478 11.05 -14.78 -32.72
CA LYS A 478 11.69 -13.64 -33.38
C LYS A 478 12.29 -12.66 -32.37
N TYR A 479 11.50 -12.28 -31.38
CA TYR A 479 11.99 -11.38 -30.34
C TYR A 479 13.25 -11.92 -29.69
N TRP A 480 13.22 -13.19 -29.28
CA TRP A 480 14.34 -13.80 -28.53
C TRP A 480 15.60 -13.93 -29.38
N THR A 481 15.44 -14.36 -30.63
CA THR A 481 16.55 -14.48 -31.57
C THR A 481 17.02 -13.12 -32.08
N ASN A 482 16.11 -12.15 -32.24
CA ASN A 482 16.55 -10.79 -32.58
C ASN A 482 17.41 -10.25 -31.45
N PHE A 483 16.94 -10.41 -30.21
CA PHE A 483 17.74 -10.04 -29.05
C PHE A 483 19.10 -10.77 -29.00
N ALA A 484 19.09 -12.06 -29.31
CA ALA A 484 20.34 -12.82 -29.35
C ALA A 484 21.30 -12.25 -30.38
N ARG A 485 20.77 -11.91 -31.56
CA ARG A 485 21.56 -11.37 -32.66
C ARG A 485 22.16 -10.00 -32.37
N THR A 486 21.33 -9.10 -31.85
CA THR A 486 21.64 -7.67 -31.85
C THR A 486 21.62 -7.01 -30.47
N GLY A 487 21.04 -7.69 -29.48
CA GLY A 487 20.82 -7.09 -28.16
C GLY A 487 19.57 -6.24 -28.11
N ASP A 488 18.71 -6.39 -29.11
CA ASP A 488 17.47 -5.61 -29.26
C ASP A 488 16.40 -6.56 -29.81
N PRO A 489 15.28 -6.76 -29.09
CA PRO A 489 14.25 -7.71 -29.58
C PRO A 489 13.45 -7.20 -30.79
N ASN A 490 13.54 -5.90 -31.06
CA ASN A 490 12.82 -5.26 -32.14
C ASN A 490 13.36 -5.67 -33.50
N ASP A 491 12.45 -5.76 -34.47
CA ASP A 491 12.84 -6.03 -35.85
C ASP A 491 13.52 -4.80 -36.47
N PRO A 492 14.69 -5.00 -37.08
CA PRO A 492 15.42 -3.91 -37.75
C PRO A 492 14.60 -3.20 -38.83
N ARG A 493 13.95 -3.97 -39.70
CA ARG A 493 13.16 -3.41 -40.81
C ARG A 493 11.77 -2.98 -40.31
N ASP A 494 10.98 -3.96 -39.87
CA ASP A 494 9.57 -3.76 -39.48
C ASP A 494 9.40 -2.76 -38.34
N SER A 495 8.90 -1.57 -38.69
CA SER A 495 8.70 -0.46 -37.74
C SER A 495 7.25 0.05 -37.63
N LYS A 496 6.36 -0.39 -38.54
CA LYS A 496 4.91 -0.17 -38.38
C LYS A 496 4.38 -0.91 -37.14
N SER A 497 4.93 -2.10 -36.87
CA SER A 497 4.67 -2.80 -35.61
C SER A 497 5.06 -1.90 -34.43
N PRO A 498 4.48 -2.15 -33.24
CA PRO A 498 4.82 -1.30 -32.12
C PRO A 498 6.18 -1.72 -31.56
N GLN A 499 6.96 -0.74 -31.12
CA GLN A 499 8.32 -0.97 -30.62
C GLN A 499 8.33 -1.39 -29.16
N TRP A 500 9.36 -2.13 -28.80
CA TRP A 500 9.64 -2.52 -27.42
C TRP A 500 10.72 -1.57 -26.92
N PRO A 501 10.34 -0.61 -26.06
CA PRO A 501 11.30 0.36 -25.61
C PRO A 501 12.09 -0.23 -24.45
N PRO A 502 13.37 0.17 -24.30
CA PRO A 502 14.14 -0.26 -23.13
C PRO A 502 13.46 0.10 -21.81
N TYR A 503 13.66 -0.75 -20.80
CA TYR A 503 13.26 -0.42 -19.44
C TYR A 503 14.27 0.56 -18.84
N THR A 504 13.77 1.65 -18.27
CA THR A 504 14.59 2.63 -17.56
C THR A 504 14.00 2.92 -16.18
N THR A 505 14.85 3.39 -15.26
CA THR A 505 14.38 3.81 -13.94
C THR A 505 13.44 5.02 -14.08
N ALA A 506 13.71 5.89 -15.05
CA ALA A 506 12.89 7.08 -15.25
C ALA A 506 11.49 6.70 -15.71
N ALA A 507 11.39 5.92 -16.79
CA ALA A 507 10.10 5.62 -17.41
C ALA A 507 9.55 4.22 -17.09
N GLN A 508 10.40 3.30 -16.64
CA GLN A 508 9.96 1.97 -16.15
C GLN A 508 9.06 1.19 -17.13
N GLN A 509 9.37 1.29 -18.42
CA GLN A 509 8.56 0.69 -19.47
C GLN A 509 8.83 -0.81 -19.72
N TYR A 510 7.75 -1.55 -19.95
CA TYR A 510 7.79 -2.97 -20.27
C TYR A 510 6.61 -3.31 -21.17
N VAL A 511 6.63 -4.49 -21.77
CA VAL A 511 5.61 -4.81 -22.77
C VAL A 511 4.81 -6.01 -22.36
N SER A 512 3.53 -6.00 -22.72
CA SER A 512 2.65 -7.15 -22.55
C SER A 512 2.90 -8.11 -23.71
N LEU A 513 3.18 -9.37 -23.37
CA LEU A 513 3.30 -10.43 -24.37
C LEU A 513 2.04 -11.29 -24.35
N ASN A 514 1.20 -11.11 -25.36
CA ASN A 514 -0.04 -11.88 -25.51
C ASN A 514 -0.44 -11.94 -26.99
N LEU A 515 -1.62 -12.47 -27.31
CA LEU A 515 -2.09 -12.59 -28.70
C LEU A 515 -2.27 -11.26 -29.45
N LYS A 516 -2.42 -10.17 -28.71
CA LYS A 516 -2.52 -8.84 -29.27
C LYS A 516 -1.14 -8.23 -29.54
N PRO A 517 -1.09 -7.20 -30.41
CA PRO A 517 0.20 -6.55 -30.62
C PRO A 517 0.77 -5.96 -29.32
N LEU A 518 2.09 -5.80 -29.27
CA LEU A 518 2.76 -5.24 -28.07
C LEU A 518 2.06 -4.00 -27.53
N GLU A 519 1.71 -4.02 -26.25
CA GLU A 519 1.27 -2.82 -25.53
C GLU A 519 2.34 -2.45 -24.47
N VAL A 520 2.72 -1.19 -24.47
CA VAL A 520 3.73 -0.68 -23.56
C VAL A 520 3.04 -0.26 -22.27
N ARG A 521 3.61 -0.68 -21.15
CA ARG A 521 3.07 -0.35 -19.83
C ARG A 521 4.18 0.23 -18.99
N ARG A 522 3.81 0.99 -17.97
CA ARG A 522 4.79 1.64 -17.12
C ARG A 522 4.68 1.10 -15.71
N GLY A 523 5.85 0.78 -15.14
CA GLY A 523 5.93 0.39 -13.74
C GLY A 523 5.56 -1.06 -13.49
N LEU A 524 6.58 -1.87 -13.20
CA LEU A 524 6.38 -3.26 -12.79
C LEU A 524 5.93 -3.35 -11.34
N ARG A 525 4.63 -3.49 -11.12
CA ARG A 525 4.08 -3.56 -9.77
C ARG A 525 4.76 -2.53 -8.87
N ALA A 526 4.88 -1.30 -9.38
CA ALA A 526 5.63 -0.23 -8.71
C ALA A 526 5.30 -0.09 -7.22
N GLN A 527 4.01 0.06 -6.85
CA GLN A 527 3.66 0.29 -5.43
C GLN A 527 3.94 -0.90 -4.51
N THR A 528 3.51 -2.09 -4.94
CA THR A 528 3.69 -3.31 -4.16
C THR A 528 5.16 -3.70 -4.03
N CYS A 529 5.95 -3.44 -5.06
CA CYS A 529 7.37 -3.80 -4.99
C CYS A 529 8.16 -2.81 -4.14
N ALA A 530 7.67 -1.57 -4.02
CA ALA A 530 8.20 -0.64 -3.04
C ALA A 530 8.03 -1.22 -1.65
N PHE A 531 6.89 -1.87 -1.40
CA PHE A 531 6.67 -2.56 -0.14
C PHE A 531 7.73 -3.65 0.12
N TRP A 532 7.92 -4.55 -0.83
CA TRP A 532 8.86 -5.67 -0.64
C TRP A 532 10.33 -5.26 -0.68
N ASN A 533 10.66 -4.32 -1.57
CA ASN A 533 12.06 -3.97 -1.85
C ASN A 533 12.58 -2.78 -1.05
N ARG A 534 11.70 -1.88 -0.64
CA ARG A 534 12.12 -0.70 0.16
C ARG A 534 11.63 -0.78 1.60
N PHE A 535 10.35 -1.08 1.81
CA PHE A 535 9.84 -1.09 3.19
C PHE A 535 10.29 -2.27 4.02
N LEU A 536 9.99 -3.50 3.59
CA LEU A 536 10.27 -4.69 4.43
C LEU A 536 11.73 -4.79 4.94
N PRO A 537 12.73 -4.55 4.06
CA PRO A 537 14.10 -4.58 4.52
C PRO A 537 14.42 -3.55 5.61
N LYS A 538 13.72 -2.41 5.61
CA LYS A 538 13.90 -1.40 6.66
C LYS A 538 13.25 -1.82 7.99
N LEU A 539 12.20 -2.62 7.90
CA LEU A 539 11.58 -3.24 9.06
C LEU A 539 12.56 -4.25 9.64
N LEU A 540 13.13 -5.08 8.76
CA LEU A 540 14.16 -6.07 9.13
C LEU A 540 15.31 -5.49 9.98
N SER A 541 15.71 -4.26 9.66
CA SER A 541 16.61 -3.47 10.52
C SER A 541 15.85 -3.01 11.79
N ALA A 542 15.81 -3.90 12.78
CA ALA A 542 15.06 -3.71 14.04
C ALA A 542 13.56 -3.94 13.85
N GLU B 4 -43.79 47.60 20.35
CA GLU B 4 -42.88 46.43 20.46
C GLU B 4 -43.50 45.22 19.78
N ASP B 5 -42.69 44.46 19.04
CA ASP B 5 -43.17 43.29 18.29
C ASP B 5 -43.23 42.04 19.17
N PRO B 6 -44.45 41.51 19.42
CA PRO B 6 -44.59 40.35 20.30
C PRO B 6 -43.91 39.07 19.81
N GLN B 7 -43.59 39.00 18.51
CA GLN B 7 -42.79 37.89 17.99
C GLN B 7 -41.35 37.92 18.50
N LEU B 8 -40.87 39.12 18.81
CA LEU B 8 -39.51 39.30 19.27
C LEU B 8 -39.40 39.35 20.80
N LEU B 9 -40.47 39.03 21.51
CA LEU B 9 -40.47 39.09 22.97
C LEU B 9 -40.69 37.70 23.57
N VAL B 10 -39.68 37.16 24.25
CA VAL B 10 -39.72 35.81 24.79
C VAL B 10 -39.34 35.77 26.27
N ARG B 11 -40.06 34.96 27.04
CA ARG B 11 -39.75 34.71 28.43
C ARG B 11 -39.09 33.33 28.59
N VAL B 12 -37.84 33.33 29.05
CA VAL B 12 -37.12 32.10 29.38
C VAL B 12 -37.04 32.01 30.91
N ARG B 13 -36.49 30.91 31.44
CA ARG B 13 -36.45 30.72 32.91
C ARG B 13 -35.71 31.85 33.63
N GLY B 14 -34.69 32.42 33.00
CA GLY B 14 -33.92 33.49 33.62
C GLY B 14 -34.60 34.84 33.58
N GLY B 15 -35.53 35.02 32.65
CA GLY B 15 -36.28 36.26 32.51
C GLY B 15 -36.66 36.53 31.08
N GLN B 16 -37.00 37.78 30.79
CA GLN B 16 -37.46 38.19 29.47
C GLN B 16 -36.36 38.65 28.54
N LEU B 17 -36.51 38.33 27.25
CA LEU B 17 -35.57 38.74 26.20
C LEU B 17 -36.28 39.46 25.07
N ARG B 18 -35.54 40.33 24.38
CA ARG B 18 -36.02 40.96 23.15
C ARG B 18 -35.04 40.66 22.03
N GLY B 19 -35.53 39.94 21.02
CA GLY B 19 -34.78 39.65 19.84
C GLY B 19 -35.00 40.68 18.76
N ILE B 20 -34.53 40.35 17.57
CA ILE B 20 -34.50 41.26 16.44
C ILE B 20 -34.97 40.53 15.19
N ARG B 21 -35.78 41.21 14.39
CA ARG B 21 -36.21 40.67 13.13
C ARG B 21 -35.13 40.91 12.11
N LEU B 22 -34.64 39.83 11.52
CA LEU B 22 -33.63 39.92 10.48
C LEU B 22 -34.28 39.59 9.15
N LYS B 23 -33.73 40.14 8.09
CA LYS B 23 -34.20 39.83 6.74
C LYS B 23 -33.41 38.66 6.17
N ALA B 24 -34.10 37.60 5.80
CA ALA B 24 -33.54 36.54 4.96
C ALA B 24 -34.06 36.75 3.53
N PRO B 25 -33.35 36.20 2.53
CA PRO B 25 -33.75 36.42 1.13
C PRO B 25 -35.22 36.13 0.84
N GLY B 26 -35.74 35.06 1.43
CA GLY B 26 -37.12 34.65 1.17
C GLY B 26 -38.13 35.22 2.15
N GLY B 27 -37.66 35.85 3.22
CA GLY B 27 -38.56 36.43 4.22
C GLY B 27 -37.85 36.75 5.52
N PRO B 28 -38.62 37.23 6.53
CA PRO B 28 -38.04 37.60 7.81
C PRO B 28 -37.77 36.40 8.71
N VAL B 29 -36.83 36.56 9.63
CA VAL B 29 -36.59 35.59 10.71
C VAL B 29 -36.45 36.35 12.04
N SER B 30 -36.66 35.62 13.13
CA SER B 30 -36.46 36.16 14.49
C SER B 30 -35.13 35.65 14.99
N ALA B 31 -34.29 36.55 15.47
CA ALA B 31 -33.02 36.18 16.05
C ALA B 31 -32.92 36.72 17.45
N PHE B 32 -32.37 35.89 18.33
CA PHE B 32 -32.15 36.22 19.71
C PHE B 32 -30.69 35.93 19.96
N LEU B 33 -29.88 36.99 19.92
CA LEU B 33 -28.44 36.90 19.88
C LEU B 33 -27.85 37.35 21.19
N GLY B 34 -26.85 36.63 21.66
CA GLY B 34 -26.10 37.06 22.85
C GLY B 34 -26.83 36.81 24.15
N ILE B 35 -27.50 35.67 24.23
CA ILE B 35 -28.24 35.27 25.43
C ILE B 35 -27.28 34.61 26.39
N PRO B 36 -27.21 35.08 27.65
CA PRO B 36 -26.27 34.49 28.61
C PRO B 36 -26.77 33.15 29.14
N PHE B 37 -25.94 32.12 29.08
CA PHE B 37 -26.33 30.78 29.64
C PHE B 37 -25.51 30.37 30.85
N ALA B 38 -24.47 31.14 31.15
CA ALA B 38 -23.62 30.91 32.32
C ALA B 38 -23.25 32.26 32.99
N GLU B 39 -22.84 32.17 34.25
CA GLU B 39 -22.19 33.28 34.93
C GLU B 39 -20.85 33.52 34.27
N PRO B 40 -20.49 34.79 34.02
CA PRO B 40 -19.18 35.07 33.41
C PRO B 40 -18.03 34.34 34.12
N PRO B 41 -17.25 33.51 33.39
CA PRO B 41 -16.21 32.67 33.99
C PRO B 41 -14.93 33.45 34.18
N VAL B 42 -15.00 34.45 35.05
CA VAL B 42 -13.96 35.45 35.20
C VAL B 42 -13.45 35.48 36.63
N GLY B 43 -12.24 36.00 36.81
CA GLY B 43 -11.61 36.05 38.12
C GLY B 43 -11.33 34.66 38.66
N SER B 44 -11.99 34.34 39.78
CA SER B 44 -11.81 33.05 40.48
C SER B 44 -12.44 31.92 39.71
N ARG B 45 -13.29 32.24 38.76
CA ARG B 45 -14.00 31.24 37.97
C ARG B 45 -13.25 30.78 36.73
N ARG B 46 -12.11 31.41 36.45
CA ARG B 46 -11.25 30.95 35.36
C ARG B 46 -10.77 29.51 35.62
N PHE B 47 -10.83 28.68 34.57
CA PHE B 47 -10.49 27.26 34.59
C PHE B 47 -11.53 26.39 35.30
N MET B 48 -12.60 27.02 35.79
CA MET B 48 -13.61 26.32 36.57
C MET B 48 -14.83 25.94 35.74
N PRO B 49 -15.48 24.82 36.10
CA PRO B 49 -16.76 24.51 35.42
C PRO B 49 -17.73 25.70 35.44
N PRO B 50 -18.56 25.83 34.39
CA PRO B 50 -19.48 26.97 34.31
C PRO B 50 -20.65 26.85 35.29
N GLU B 51 -21.14 27.98 35.78
CA GLU B 51 -22.30 27.98 36.66
C GLU B 51 -23.48 28.57 35.90
N PRO B 52 -24.69 28.08 36.19
CA PRO B 52 -25.88 28.63 35.54
C PRO B 52 -26.05 30.14 35.75
N LYS B 53 -26.48 30.83 34.71
CA LYS B 53 -26.72 32.27 34.75
C LYS B 53 -27.80 32.61 35.75
N ARG B 54 -27.53 33.57 36.62
CA ARG B 54 -28.52 34.07 37.56
C ARG B 54 -29.65 34.77 36.76
N PRO B 55 -30.89 34.67 37.24
CA PRO B 55 -31.99 35.40 36.61
C PRO B 55 -31.78 36.92 36.63
N TRP B 56 -32.35 37.60 35.64
CA TRP B 56 -32.17 39.05 35.46
C TRP B 56 -33.53 39.75 35.50
N SER B 57 -33.50 41.06 35.73
CA SER B 57 -34.68 41.90 35.80
C SER B 57 -35.06 42.42 34.42
N GLY B 58 -36.28 42.91 34.26
CA GLY B 58 -36.68 43.54 33.00
C GLY B 58 -36.49 42.72 31.74
N VAL B 59 -36.29 43.42 30.62
CA VAL B 59 -36.13 42.79 29.31
C VAL B 59 -34.69 42.91 28.83
N LEU B 60 -34.04 41.75 28.67
CA LEU B 60 -32.65 41.69 28.22
C LEU B 60 -32.55 41.88 26.71
N ASP B 61 -31.67 42.79 26.29
CA ASP B 61 -31.46 43.08 24.88
C ASP B 61 -30.68 41.96 24.22
N ALA B 62 -31.36 41.16 23.40
CA ALA B 62 -30.75 40.04 22.68
C ALA B 62 -30.80 40.30 21.18
N THR B 63 -30.35 41.48 20.78
CA THR B 63 -30.41 41.89 19.37
C THR B 63 -29.05 41.89 18.70
N THR B 64 -28.02 41.49 19.45
CA THR B 64 -26.65 41.64 19.02
C THR B 64 -25.77 40.48 19.49
N PHE B 65 -24.80 40.11 18.67
CA PHE B 65 -23.83 39.09 19.07
C PHE B 65 -22.98 39.61 20.23
N GLN B 66 -22.72 38.72 21.16
CA GLN B 66 -21.88 39.03 22.31
C GLN B 66 -20.39 38.78 22.01
N ASN B 67 -19.54 39.03 23.00
CA ASN B 67 -18.09 38.92 22.82
C ASN B 67 -17.62 37.52 22.45
N VAL B 68 -16.51 37.49 21.70
CA VAL B 68 -15.83 36.25 21.37
C VAL B 68 -14.95 35.83 22.57
N CYS B 69 -14.91 34.52 22.85
CA CYS B 69 -14.07 34.01 23.94
C CYS B 69 -12.60 34.32 23.68
N TYR B 70 -11.87 34.63 24.74
CA TYR B 70 -10.50 35.07 24.57
C TYR B 70 -9.65 33.98 23.93
N GLN B 71 -8.95 34.36 22.87
CA GLN B 71 -8.27 33.39 22.05
C GLN B 71 -7.13 34.04 21.26
N TYR B 72 -6.23 33.15 20.82
CA TYR B 72 -5.24 33.44 19.82
C TYR B 72 -5.91 33.84 18.52
N VAL B 73 -5.37 34.90 17.89
CA VAL B 73 -5.87 35.35 16.60
C VAL B 73 -4.79 35.15 15.53
N ASP B 74 -5.17 34.51 14.44
CA ASP B 74 -4.25 34.23 13.34
C ASP B 74 -3.79 35.50 12.61
N THR B 75 -2.49 35.57 12.35
CA THR B 75 -1.88 36.74 11.70
C THR B 75 -0.99 36.35 10.50
N LEU B 76 -1.16 35.14 9.97
CA LEU B 76 -0.32 34.61 8.89
C LEU B 76 -0.49 35.39 7.58
N TYR B 77 -1.72 35.80 7.28
CA TYR B 77 -2.02 36.58 6.07
C TYR B 77 -3.00 37.71 6.39
N PRO B 78 -2.49 38.84 6.93
CA PRO B 78 -3.34 39.98 7.29
C PRO B 78 -4.18 40.48 6.12
N GLY B 79 -5.45 40.82 6.40
CA GLY B 79 -6.35 41.40 5.39
C GLY B 79 -6.79 40.46 4.27
N PHE B 80 -6.61 39.16 4.46
CA PHE B 80 -6.95 38.16 3.46
C PHE B 80 -8.25 37.49 3.89
N GLU B 81 -9.26 37.50 3.02
CA GLU B 81 -10.59 37.02 3.42
C GLU B 81 -10.63 35.53 3.79
N GLY B 82 -9.74 34.74 3.20
CA GLY B 82 -9.67 33.30 3.47
C GLY B 82 -9.25 32.97 4.89
N THR B 83 -8.52 33.89 5.51
CA THR B 83 -8.16 33.77 6.92
C THR B 83 -9.03 34.63 7.83
N GLU B 84 -9.38 35.83 7.37
CA GLU B 84 -10.16 36.78 8.17
C GLU B 84 -11.58 36.29 8.46
N MET B 85 -12.11 35.45 7.58
CA MET B 85 -13.46 34.91 7.75
C MET B 85 -13.58 33.98 8.96
N TRP B 86 -12.44 33.58 9.52
CA TRP B 86 -12.41 32.73 10.72
C TRP B 86 -11.97 33.49 11.97
N ASN B 87 -11.48 34.72 11.81
CA ASN B 87 -11.01 35.54 12.93
C ASN B 87 -12.17 36.14 13.71
N PRO B 88 -11.95 36.45 15.00
CA PRO B 88 -13.02 37.04 15.80
C PRO B 88 -13.57 38.30 15.12
N ASN B 89 -14.89 38.39 15.06
CA ASN B 89 -15.58 39.56 14.51
C ASN B 89 -16.33 40.35 15.60
N ARG B 90 -16.12 40.00 16.86
CA ARG B 90 -16.54 40.85 17.97
C ARG B 90 -15.37 40.99 18.96
N GLU B 91 -15.53 41.83 19.97
CA GLU B 91 -14.45 42.04 20.93
C GLU B 91 -14.14 40.74 21.64
N LEU B 92 -12.87 40.53 21.95
CA LEU B 92 -12.42 39.40 22.73
C LEU B 92 -12.68 39.68 24.21
N SER B 93 -13.15 38.65 24.92
CA SER B 93 -13.36 38.75 26.36
C SER B 93 -13.45 37.37 26.99
N GLU B 94 -13.07 37.27 28.26
CA GLU B 94 -13.31 36.06 29.04
C GLU B 94 -14.78 35.91 29.40
N ASP B 95 -15.48 37.04 29.47
CA ASP B 95 -16.91 37.06 29.58
C ASP B 95 -17.52 36.79 28.21
N CYS B 96 -17.80 35.52 27.91
CA CYS B 96 -18.18 35.16 26.55
C CYS B 96 -19.23 34.05 26.45
N LEU B 97 -19.81 33.64 27.58
CA LEU B 97 -20.66 32.49 27.59
C LEU B 97 -22.10 32.91 27.28
N TYR B 98 -22.34 33.05 25.97
CA TYR B 98 -23.63 33.47 25.42
C TYR B 98 -23.99 32.58 24.22
N LEU B 99 -25.28 32.44 23.97
CA LEU B 99 -25.76 31.64 22.85
C LEU B 99 -26.74 32.42 21.99
N ASN B 100 -26.94 31.92 20.78
CA ASN B 100 -27.75 32.57 19.76
C ASN B 100 -28.83 31.63 19.27
N VAL B 101 -30.04 32.15 19.04
CA VAL B 101 -31.16 31.37 18.52
C VAL B 101 -31.78 32.07 17.33
N TRP B 102 -32.01 31.32 16.25
CA TRP B 102 -32.77 31.81 15.10
C TRP B 102 -34.01 30.97 14.96
N THR B 103 -35.16 31.63 14.76
CA THR B 103 -36.40 30.91 14.49
C THR B 103 -37.10 31.58 13.32
N PRO B 104 -38.05 30.87 12.70
CA PRO B 104 -38.95 31.47 11.74
C PRO B 104 -39.75 32.63 12.34
N TYR B 105 -40.04 33.63 11.52
CA TYR B 105 -40.95 34.71 11.86
C TYR B 105 -42.17 34.55 10.97
N PRO B 106 -43.37 34.36 11.55
CA PRO B 106 -43.68 34.25 12.98
C PRO B 106 -43.17 32.93 13.55
N ARG B 107 -43.09 32.82 14.87
CA ARG B 107 -42.45 31.65 15.48
C ARG B 107 -43.30 30.41 15.24
N PRO B 108 -42.65 29.23 15.16
CA PRO B 108 -43.35 28.03 14.74
C PRO B 108 -44.62 27.75 15.54
N ALA B 109 -45.70 27.43 14.82
CA ALA B 109 -47.00 27.06 15.41
C ALA B 109 -46.93 25.73 16.17
N SER B 110 -46.08 24.83 15.69
CA SER B 110 -45.88 23.54 16.34
C SER B 110 -44.39 23.30 16.58
N PRO B 111 -44.05 22.47 17.59
CA PRO B 111 -42.66 22.24 17.99
C PRO B 111 -41.75 21.78 16.83
N THR B 112 -40.66 22.51 16.62
CA THR B 112 -39.80 22.29 15.45
C THR B 112 -38.46 21.65 15.85
N PRO B 113 -37.94 20.74 15.01
CA PRO B 113 -36.61 20.19 15.30
C PRO B 113 -35.57 21.28 15.46
N VAL B 114 -34.67 21.07 16.42
CA VAL B 114 -33.65 22.02 16.80
C VAL B 114 -32.30 21.50 16.33
N LEU B 115 -31.53 22.37 15.68
CA LEU B 115 -30.14 22.08 15.34
C LEU B 115 -29.24 22.95 16.22
N ILE B 116 -28.27 22.32 16.86
CA ILE B 116 -27.31 23.04 17.67
C ILE B 116 -25.92 22.95 17.06
N TRP B 117 -25.38 24.10 16.68
CA TRP B 117 -24.06 24.23 16.07
C TRP B 117 -22.95 24.45 17.10
N ILE B 118 -21.89 23.65 16.99
CA ILE B 118 -20.69 23.79 17.82
C ILE B 118 -19.54 24.07 16.86
N TYR B 119 -19.02 25.27 16.89
CA TYR B 119 -17.92 25.62 15.99
C TYR B 119 -16.63 24.87 16.31
N GLY B 120 -15.79 24.77 15.29
CA GLY B 120 -14.41 24.31 15.44
C GLY B 120 -13.43 25.46 15.50
N GLY B 121 -12.15 25.13 15.35
CA GLY B 121 -11.03 26.03 15.59
C GLY B 121 -9.93 25.45 16.46
N GLY B 122 -9.82 24.10 16.48
CA GLY B 122 -8.76 23.39 17.20
C GLY B 122 -8.82 23.46 18.71
N PHE B 123 -9.98 23.83 19.24
CA PHE B 123 -10.14 24.16 20.67
C PHE B 123 -9.32 25.37 21.12
N TYR B 124 -8.73 26.12 20.18
CA TYR B 124 -7.96 27.33 20.52
C TYR B 124 -8.60 28.60 19.94
N SER B 125 -9.68 28.44 19.16
CA SER B 125 -10.27 29.56 18.43
C SER B 125 -11.72 29.27 18.07
N GLY B 126 -12.36 30.27 17.48
CA GLY B 126 -13.73 30.14 17.00
C GLY B 126 -14.72 31.06 17.70
N ALA B 127 -15.91 31.17 17.11
CA ALA B 127 -16.99 32.00 17.66
C ALA B 127 -18.28 31.68 16.92
N ALA B 128 -19.43 31.80 17.59
CA ALA B 128 -20.73 31.53 16.95
C ALA B 128 -21.23 32.74 16.14
N SER B 129 -20.50 33.85 16.19
CA SER B 129 -20.88 35.08 15.51
C SER B 129 -20.37 35.19 14.07
N LEU B 130 -19.58 34.23 13.63
CA LEU B 130 -18.93 34.26 12.31
C LEU B 130 -19.99 34.19 11.24
N ASP B 131 -19.79 34.93 10.16
CA ASP B 131 -20.79 35.04 9.09
C ASP B 131 -21.19 33.71 8.47
N VAL B 132 -20.24 32.77 8.41
CA VAL B 132 -20.50 31.43 7.88
C VAL B 132 -21.41 30.57 8.75
N TYR B 133 -21.58 30.94 10.03
CA TYR B 133 -22.47 30.21 10.94
C TYR B 133 -23.81 30.89 11.10
N ASP B 134 -24.15 31.81 10.18
CA ASP B 134 -25.40 32.54 10.22
C ASP B 134 -26.56 31.57 10.03
N GLY B 135 -27.41 31.47 11.05
CA GLY B 135 -28.55 30.52 11.05
C GLY B 135 -29.82 31.01 10.36
N ARG B 136 -29.81 32.22 9.80
CA ARG B 136 -31.05 32.79 9.23
C ARG B 136 -31.59 32.02 8.02
N PHE B 137 -30.71 31.41 7.23
CA PHE B 137 -31.13 30.71 6.02
C PHE B 137 -31.88 29.41 6.34
N LEU B 138 -31.30 28.59 7.22
CA LEU B 138 -31.93 27.35 7.69
C LEU B 138 -33.27 27.62 8.38
N ALA B 139 -33.29 28.65 9.22
CA ALA B 139 -34.51 29.10 9.88
C ALA B 139 -35.58 29.47 8.86
N GLN B 140 -35.22 30.32 7.90
CA GLN B 140 -36.19 30.86 6.97
C GLN B 140 -36.66 29.82 5.97
N VAL B 141 -35.72 29.13 5.33
CA VAL B 141 -36.04 28.26 4.20
C VAL B 141 -36.58 26.91 4.67
N GLU B 142 -35.95 26.33 5.69
CA GLU B 142 -36.32 25.02 6.20
C GLU B 142 -37.20 25.05 7.45
N GLY B 143 -37.44 26.23 8.01
CA GLY B 143 -38.30 26.35 9.18
C GLY B 143 -37.66 25.81 10.46
N ALA B 144 -36.33 25.81 10.51
CA ALA B 144 -35.60 25.22 11.60
C ALA B 144 -35.38 26.19 12.76
N VAL B 145 -35.29 25.67 13.97
CA VAL B 145 -34.79 26.43 15.10
C VAL B 145 -33.30 26.10 15.22
N LEU B 146 -32.46 27.11 14.98
CA LEU B 146 -31.03 26.91 15.02
C LEU B 146 -30.44 27.62 16.24
N VAL B 147 -29.60 26.89 16.97
CA VAL B 147 -28.93 27.41 18.16
C VAL B 147 -27.43 27.28 17.99
N SER B 148 -26.67 28.29 18.43
CA SER B 148 -25.20 28.22 18.50
C SER B 148 -24.70 28.89 19.78
N MET B 149 -23.65 28.33 20.38
CA MET B 149 -23.12 28.83 21.63
C MET B 149 -21.66 29.15 21.50
N ASN B 150 -21.21 30.11 22.30
CA ASN B 150 -19.79 30.30 22.53
C ASN B 150 -19.36 29.35 23.63
N TYR B 151 -18.18 28.75 23.45
CA TYR B 151 -17.54 27.96 24.50
C TYR B 151 -16.09 28.39 24.67
N ARG B 152 -15.58 28.26 25.88
CA ARG B 152 -14.22 28.66 26.17
C ARG B 152 -13.22 27.76 25.42
N VAL B 153 -12.20 28.42 24.88
CA VAL B 153 -11.19 27.77 24.06
C VAL B 153 -9.83 28.07 24.65
N GLY B 154 -8.79 27.38 24.16
CA GLY B 154 -7.42 27.62 24.66
C GLY B 154 -7.28 27.22 26.11
N THR B 155 -6.32 27.85 26.79
CA THR B 155 -6.09 27.63 28.22
C THR B 155 -7.38 27.83 29.05
N PHE B 156 -8.15 28.84 28.68
CA PHE B 156 -9.37 29.19 29.42
C PHE B 156 -10.41 28.08 29.41
N GLY B 157 -10.41 27.28 28.35
CA GLY B 157 -11.38 26.20 28.18
C GLY B 157 -10.82 24.82 28.53
N PHE B 158 -9.51 24.64 28.41
CA PHE B 158 -8.93 23.29 28.41
C PHE B 158 -7.65 23.08 29.20
N LEU B 159 -7.07 24.13 29.76
CA LEU B 159 -5.94 23.99 30.68
C LEU B 159 -6.39 23.14 31.86
N ALA B 160 -5.71 22.01 32.08
CA ALA B 160 -6.09 21.09 33.15
C ALA B 160 -4.89 20.76 33.99
N LEU B 161 -5.15 20.64 35.28
CA LEU B 161 -4.25 20.01 36.22
C LEU B 161 -5.09 18.88 36.78
N PRO B 162 -5.11 17.74 36.06
CA PRO B 162 -6.08 16.67 36.33
C PRO B 162 -6.07 16.19 37.78
N GLY B 163 -7.27 16.08 38.35
CA GLY B 163 -7.45 15.65 39.74
C GLY B 163 -7.50 16.82 40.71
N SER B 164 -7.27 18.03 40.22
CA SER B 164 -7.39 19.24 41.01
C SER B 164 -8.85 19.68 41.04
N ARG B 165 -9.23 20.43 42.06
CA ARG B 165 -10.58 20.96 42.19
C ARG B 165 -10.71 22.23 41.36
N GLU B 166 -9.60 22.92 41.12
CA GLU B 166 -9.64 24.28 40.57
C GLU B 166 -9.32 24.39 39.06
N ALA B 167 -8.75 23.35 38.48
CA ALA B 167 -8.52 23.27 37.03
C ALA B 167 -8.68 21.83 36.61
N PRO B 168 -9.93 21.31 36.67
CA PRO B 168 -10.19 19.88 36.49
C PRO B 168 -10.13 19.43 35.05
N GLY B 169 -10.20 20.39 34.12
CA GLY B 169 -10.17 20.09 32.68
C GLY B 169 -11.55 19.98 32.06
N ASN B 170 -11.58 20.08 30.73
CA ASN B 170 -12.79 19.93 29.91
C ASN B 170 -13.91 20.96 30.13
N VAL B 171 -13.59 22.10 30.72
CA VAL B 171 -14.62 23.08 31.10
C VAL B 171 -15.27 23.70 29.86
N GLY B 172 -14.47 23.88 28.81
CA GLY B 172 -15.01 24.24 27.51
C GLY B 172 -16.09 23.27 27.03
N LEU B 173 -15.93 21.99 27.31
CA LEU B 173 -16.93 20.99 26.93
C LEU B 173 -18.15 21.11 27.85
N LEU B 174 -17.92 21.42 29.12
CA LEU B 174 -19.00 21.69 30.07
C LEU B 174 -19.79 22.96 29.72
N ASP B 175 -19.13 23.94 29.11
CA ASP B 175 -19.83 25.12 28.59
C ASP B 175 -20.85 24.70 27.55
N GLN B 176 -20.42 23.84 26.64
CA GLN B 176 -21.29 23.31 25.60
C GLN B 176 -22.44 22.53 26.21
N ARG B 177 -22.13 21.65 27.16
CA ARG B 177 -23.18 20.87 27.82
C ARG B 177 -24.21 21.78 28.53
N LEU B 178 -23.72 22.86 29.14
CA LEU B 178 -24.63 23.82 29.80
C LEU B 178 -25.57 24.48 28.78
N ALA B 179 -25.03 24.90 27.64
CA ALA B 179 -25.88 25.42 26.54
C ALA B 179 -26.89 24.37 26.06
N LEU B 180 -26.51 23.09 26.09
CA LEU B 180 -27.40 22.00 25.70
C LEU B 180 -28.56 21.86 26.72
N GLN B 181 -28.21 21.96 28.00
CA GLN B 181 -29.20 21.94 29.10
C GLN B 181 -30.14 23.14 28.96
N TRP B 182 -29.58 24.29 28.64
CA TRP B 182 -30.35 25.51 28.44
C TRP B 182 -31.42 25.32 27.36
N VAL B 183 -31.04 24.67 26.27
CA VAL B 183 -31.96 24.33 25.20
C VAL B 183 -33.09 23.38 25.67
N GLN B 184 -32.74 22.34 26.42
CA GLN B 184 -33.78 21.47 26.99
C GLN B 184 -34.80 22.26 27.80
N GLU B 185 -34.32 23.18 28.62
CA GLU B 185 -35.14 23.90 29.57
C GLU B 185 -35.93 25.05 28.95
N ASN B 186 -35.43 25.59 27.82
CA ASN B 186 -35.91 26.89 27.32
C ASN B 186 -36.38 26.96 25.87
N ILE B 187 -36.02 25.99 25.04
CA ILE B 187 -36.19 26.13 23.60
C ILE B 187 -37.67 26.05 23.18
N ALA B 188 -38.50 25.36 23.96
CA ALA B 188 -39.94 25.34 23.71
C ALA B 188 -40.55 26.75 23.66
N ALA B 189 -39.99 27.70 24.41
CA ALA B 189 -40.46 29.09 24.37
C ALA B 189 -40.32 29.72 22.99
N PHE B 190 -39.35 29.24 22.20
CA PHE B 190 -39.08 29.76 20.86
C PHE B 190 -39.76 28.93 19.76
N GLY B 191 -40.48 27.88 20.16
CA GLY B 191 -41.14 26.97 19.21
C GLY B 191 -40.32 25.74 18.85
N GLY B 192 -39.15 25.58 19.46
CA GLY B 192 -38.31 24.40 19.23
C GLY B 192 -38.79 23.19 20.02
N ASP B 193 -38.50 22.00 19.51
CA ASP B 193 -38.86 20.74 20.14
C ASP B 193 -37.65 20.23 20.91
N PRO B 194 -37.70 20.25 22.25
CA PRO B 194 -36.53 19.74 23.00
C PRO B 194 -36.39 18.22 22.92
N MET B 195 -37.45 17.54 22.45
CA MET B 195 -37.40 16.10 22.20
C MET B 195 -36.86 15.76 20.82
N SER B 196 -36.35 16.76 20.10
CA SER B 196 -35.73 16.55 18.81
C SER B 196 -34.63 17.57 18.57
N VAL B 197 -33.44 17.22 19.04
CA VAL B 197 -32.29 18.09 19.05
C VAL B 197 -31.17 17.37 18.34
N THR B 198 -30.60 18.03 17.33
CA THR B 198 -29.50 17.48 16.58
C THR B 198 -28.29 18.38 16.80
N LEU B 199 -27.19 17.78 17.26
CA LEU B 199 -25.93 18.49 17.36
C LEU B 199 -25.23 18.40 16.02
N PHE B 200 -24.68 19.51 15.56
CA PHE B 200 -23.78 19.45 14.42
C PHE B 200 -22.59 20.38 14.63
N GLY B 201 -21.47 20.00 14.07
CA GLY B 201 -20.26 20.77 14.25
C GLY B 201 -19.23 20.36 13.24
N GLU B 202 -18.22 21.21 13.06
CA GLU B 202 -17.13 20.97 12.13
C GLU B 202 -15.78 21.06 12.84
N SER B 203 -14.91 20.12 12.51
CA SER B 203 -13.57 20.13 13.01
C SER B 203 -13.55 19.88 14.53
N ALA B 204 -12.93 20.75 15.33
CA ALA B 204 -13.00 20.63 16.79
C ALA B 204 -14.46 20.58 17.28
N GLY B 205 -15.36 21.25 16.57
CA GLY B 205 -16.81 21.17 16.85
C GLY B 205 -17.40 19.77 16.67
N ALA B 206 -16.95 19.05 15.64
CA ALA B 206 -17.36 17.67 15.37
C ALA B 206 -16.76 16.76 16.41
N ALA B 207 -15.50 17.00 16.76
CA ALA B 207 -14.87 16.27 17.87
C ALA B 207 -15.67 16.43 19.16
N SER B 208 -16.10 17.67 19.41
CA SER B 208 -16.93 18.04 20.57
C SER B 208 -18.25 17.29 20.54
N VAL B 209 -18.98 17.37 19.42
CA VAL B 209 -20.18 16.53 19.21
C VAL B 209 -19.88 15.05 19.57
N GLY B 210 -18.73 14.56 19.11
CA GLY B 210 -18.31 13.18 19.42
C GLY B 210 -18.13 12.91 20.90
N MET B 211 -17.59 13.89 21.61
CA MET B 211 -17.41 13.75 23.04
C MET B 211 -18.73 13.74 23.82
N HIS B 212 -19.74 14.44 23.30
CA HIS B 212 -21.06 14.37 23.89
C HIS B 212 -21.73 13.02 23.63
N ILE B 213 -21.40 12.39 22.51
CA ILE B 213 -21.83 11.02 22.26
C ILE B 213 -21.21 10.07 23.29
N LEU B 214 -19.95 10.32 23.65
CA LEU B 214 -19.19 9.41 24.50
C LEU B 214 -19.26 9.73 26.01
N SER B 215 -20.00 10.76 26.39
CA SER B 215 -20.14 11.18 27.79
C SER B 215 -21.60 11.12 28.22
N LEU B 216 -21.91 10.23 29.15
CA LEU B 216 -23.29 9.86 29.46
C LEU B 216 -24.19 11.03 29.87
N PRO B 217 -23.69 11.93 30.73
CA PRO B 217 -24.53 13.10 31.08
C PRO B 217 -24.95 14.02 29.90
N SER B 218 -24.22 13.99 28.79
CA SER B 218 -24.63 14.76 27.60
C SER B 218 -25.74 14.06 26.84
N ARG B 219 -25.82 12.75 26.97
CA ARG B 219 -26.69 11.92 26.12
C ARG B 219 -28.18 12.21 26.23
N SER B 220 -28.64 12.63 27.39
CA SER B 220 -30.05 12.99 27.56
C SER B 220 -30.39 14.39 27.02
N LEU B 221 -29.41 15.07 26.42
CA LEU B 221 -29.59 16.44 25.96
C LEU B 221 -29.68 16.58 24.44
N PHE B 222 -29.50 15.47 23.72
CA PHE B 222 -29.68 15.44 22.27
C PHE B 222 -30.07 14.04 21.79
N HIS B 223 -30.50 13.96 20.53
CA HIS B 223 -31.06 12.73 19.95
C HIS B 223 -30.32 12.26 18.70
N ARG B 224 -29.71 13.18 17.96
CA ARG B 224 -28.98 12.85 16.74
C ARG B 224 -27.71 13.69 16.67
N ALA B 225 -26.78 13.29 15.81
CA ALA B 225 -25.48 13.99 15.71
C ALA B 225 -24.92 14.04 14.27
N VAL B 226 -24.23 15.15 13.97
CA VAL B 226 -23.53 15.33 12.72
C VAL B 226 -22.12 15.79 13.03
N LEU B 227 -21.15 15.05 12.47
CA LEU B 227 -19.72 15.31 12.65
C LEU B 227 -19.10 15.58 11.30
N GLN B 228 -18.75 16.83 11.06
CA GLN B 228 -18.16 17.26 9.80
C GLN B 228 -16.66 17.42 10.00
N SER B 229 -15.88 16.56 9.35
CA SER B 229 -14.42 16.74 9.31
C SER B 229 -13.78 16.84 10.69
N GLY B 230 -14.15 15.94 11.57
CA GLY B 230 -13.59 15.89 12.92
C GLY B 230 -14.18 14.77 13.74
N THR B 231 -13.40 14.27 14.70
CA THR B 231 -13.75 13.07 15.46
C THR B 231 -13.16 13.17 16.85
N PRO B 232 -13.78 12.51 17.84
CA PRO B 232 -13.21 12.48 19.20
C PRO B 232 -11.98 11.57 19.35
N ASN B 233 -11.99 10.47 18.62
CA ASN B 233 -10.82 9.61 18.45
C ASN B 233 -9.85 10.33 17.53
N GLY B 234 -8.66 9.76 17.35
CA GLY B 234 -7.67 10.37 16.49
C GLY B 234 -6.61 11.11 17.27
N PRO B 235 -5.57 11.61 16.56
CA PRO B 235 -4.32 12.05 17.20
C PRO B 235 -4.29 13.44 17.86
N TRP B 236 -5.30 14.28 17.61
CA TRP B 236 -5.24 15.69 18.03
C TRP B 236 -6.34 16.13 19.01
N ALA B 237 -7.40 15.35 19.15
CA ALA B 237 -8.63 15.83 19.82
C ALA B 237 -8.58 15.66 21.35
N THR B 238 -7.80 14.71 21.83
CA THR B 238 -7.56 14.56 23.26
C THR B 238 -6.07 14.46 23.60
N VAL B 239 -5.78 14.71 24.86
CA VAL B 239 -4.51 14.34 25.45
C VAL B 239 -4.75 13.50 26.70
N SER B 240 -3.70 12.84 27.18
CA SER B 240 -3.75 12.13 28.44
C SER B 240 -3.70 13.15 29.57
N ALA B 241 -4.02 12.69 30.77
CA ALA B 241 -3.93 13.51 31.97
C ALA B 241 -2.48 13.91 32.25
N GLY B 242 -1.55 12.99 32.03
CA GLY B 242 -0.13 13.29 32.18
C GLY B 242 0.36 14.38 31.24
N GLU B 243 -0.06 14.32 29.97
CA GLU B 243 0.38 15.33 28.99
C GLU B 243 -0.31 16.68 29.21
N ALA B 244 -1.56 16.67 29.65
CA ALA B 244 -2.24 17.92 30.05
C ALA B 244 -1.49 18.59 31.20
N ARG B 245 -1.22 17.82 32.25
CA ARG B 245 -0.51 18.31 33.42
C ARG B 245 0.81 18.96 33.02
N ARG B 246 1.55 18.25 32.18
CA ARG B 246 2.87 18.69 31.71
C ARG B 246 2.79 20.05 31.00
N ARG B 247 1.82 20.20 30.10
CA ARG B 247 1.61 21.44 29.37
C ARG B 247 1.16 22.59 30.25
N ALA B 248 0.23 22.32 31.17
CA ALA B 248 -0.20 23.29 32.17
C ALA B 248 0.96 23.76 33.04
N THR B 249 1.78 22.80 33.48
CA THR B 249 2.92 23.11 34.34
C THR B 249 4.01 23.91 33.61
N LEU B 250 4.14 23.69 32.31
CA LEU B 250 5.13 24.41 31.50
C LEU B 250 4.63 25.81 31.17
N LEU B 251 3.36 25.94 30.81
CA LEU B 251 2.78 27.25 30.56
C LEU B 251 2.95 28.14 31.79
N ALA B 252 2.67 27.57 32.96
CA ALA B 252 2.78 28.26 34.23
C ALA B 252 4.21 28.72 34.44
N ARG B 253 5.17 27.83 34.21
CA ARG B 253 6.58 28.20 34.29
C ARG B 253 6.87 29.35 33.35
N LEU B 254 6.37 29.25 32.12
CA LEU B 254 6.66 30.26 31.10
C LEU B 254 6.11 31.65 31.45
N VAL B 255 5.06 31.70 32.27
CA VAL B 255 4.51 32.98 32.71
C VAL B 255 4.95 33.37 34.15
N GLY B 256 5.92 32.67 34.71
CA GLY B 256 6.47 33.02 36.02
C GLY B 256 5.70 32.51 37.23
N CYS B 257 4.81 31.55 37.03
CA CYS B 257 4.02 30.95 38.11
C CYS B 257 4.66 29.64 38.56
N PRO B 258 4.66 29.37 39.88
CA PRO B 258 4.08 30.18 40.95
C PRO B 258 5.14 31.09 41.60
N ASN B 265 2.30 22.08 44.51
CA ASN B 265 0.91 22.22 44.91
C ASN B 265 0.05 22.92 43.83
N ASP B 266 -0.94 22.18 43.32
CA ASP B 266 -1.83 22.70 42.27
C ASP B 266 -2.53 24.00 42.62
N THR B 267 -3.05 24.05 43.85
CA THR B 267 -3.81 25.20 44.31
C THR B 267 -3.04 26.49 44.08
N GLU B 268 -1.77 26.49 44.50
CA GLU B 268 -0.91 27.67 44.38
C GLU B 268 -0.63 28.02 42.92
N LEU B 269 -0.32 27.01 42.11
CA LEU B 269 -0.02 27.21 40.69
C LEU B 269 -1.21 27.83 39.95
N ILE B 270 -2.41 27.31 40.17
CA ILE B 270 -3.61 27.80 39.50
C ILE B 270 -4.01 29.20 39.99
N ALA B 271 -3.78 29.47 41.27
CA ALA B 271 -4.06 30.79 41.83
C ALA B 271 -3.22 31.86 41.12
N CYS B 272 -1.95 31.56 40.86
CA CYS B 272 -1.06 32.50 40.19
C CYS B 272 -1.43 32.65 38.72
N LEU B 273 -1.81 31.55 38.07
CA LEU B 273 -2.31 31.60 36.70
C LEU B 273 -3.55 32.48 36.60
N ARG B 274 -4.44 32.39 37.60
CA ARG B 274 -5.64 33.23 37.65
C ARG B 274 -5.37 34.73 37.80
N THR B 275 -4.20 35.11 38.27
CA THR B 275 -3.85 36.54 38.38
C THR B 275 -3.40 37.13 37.06
N ARG B 276 -3.08 36.28 36.09
CA ARG B 276 -2.42 36.72 34.88
C ARG B 276 -3.40 37.29 33.86
N PRO B 277 -3.11 38.48 33.31
CA PRO B 277 -3.87 38.99 32.17
C PRO B 277 -4.04 37.93 31.08
N ALA B 278 -5.21 37.92 30.46
CA ALA B 278 -5.57 36.88 29.48
C ALA B 278 -4.52 36.74 28.37
N GLN B 279 -4.09 37.85 27.79
CA GLN B 279 -3.10 37.82 26.70
C GLN B 279 -1.75 37.23 27.12
N ASP B 280 -1.42 37.31 28.41
CA ASP B 280 -0.19 36.69 28.93
C ASP B 280 -0.21 35.17 28.77
N LEU B 281 -1.38 34.57 28.99
CA LEU B 281 -1.55 33.12 28.77
C LEU B 281 -1.45 32.76 27.29
N VAL B 282 -2.18 33.49 26.44
CA VAL B 282 -2.18 33.26 25.00
C VAL B 282 -0.81 33.46 24.34
N ASP B 283 0.00 34.41 24.83
CA ASP B 283 1.37 34.65 24.33
C ASP B 283 2.27 33.40 24.32
N HIS B 284 2.00 32.48 25.24
CA HIS B 284 2.82 31.29 25.43
C HIS B 284 2.08 30.00 25.08
N GLU B 285 0.89 30.14 24.52
CA GLU B 285 0.01 29.00 24.27
C GLU B 285 0.66 27.94 23.38
N TRP B 286 1.35 28.41 22.33
CA TRP B 286 1.93 27.53 21.33
C TRP B 286 3.31 27.03 21.72
N HIS B 287 3.86 27.50 22.84
CA HIS B 287 5.19 27.09 23.24
C HIS B 287 5.24 25.79 24.05
N VAL B 288 4.10 25.13 24.26
CA VAL B 288 4.05 23.96 25.15
C VAL B 288 3.90 22.63 24.41
N LEU B 289 3.79 22.68 23.09
CA LEU B 289 3.68 21.47 22.29
C LEU B 289 5.02 20.71 22.30
N PRO B 290 4.97 19.37 22.38
CA PRO B 290 6.18 18.53 22.55
C PRO B 290 7.12 18.44 21.34
N GLN B 291 6.59 18.63 20.12
CA GLN B 291 7.41 18.69 18.91
C GLN B 291 6.88 19.76 17.96
N GLU B 292 7.74 20.14 17.01
CA GLU B 292 7.34 20.91 15.83
C GLU B 292 6.26 20.12 15.08
N SER B 293 5.11 20.72 14.89
CA SER B 293 3.96 20.02 14.34
C SER B 293 2.97 20.93 13.65
N ILE B 294 2.07 20.33 12.87
CA ILE B 294 0.85 21.00 12.43
C ILE B 294 -0.29 20.07 12.81
N PHE B 295 -1.50 20.62 12.87
CA PHE B 295 -2.68 19.88 13.28
C PHE B 295 -2.50 19.35 14.69
N ARG B 296 -1.83 20.13 15.54
CA ARG B 296 -1.72 19.82 16.94
C ARG B 296 -1.97 21.08 17.73
N PHE B 297 -2.72 20.95 18.82
CA PHE B 297 -3.20 22.08 19.59
C PHE B 297 -2.90 21.86 21.07
N SER B 298 -2.52 22.94 21.75
CA SER B 298 -1.92 22.82 23.07
C SER B 298 -2.91 22.43 24.16
N PHE B 299 -4.10 23.04 24.14
CA PHE B 299 -5.08 22.81 25.20
C PHE B 299 -6.39 22.32 24.60
N VAL B 300 -6.64 21.02 24.80
CA VAL B 300 -7.71 20.27 24.17
C VAL B 300 -8.34 19.39 25.27
N PRO B 301 -9.48 18.75 24.97
CA PRO B 301 -10.08 17.83 25.92
C PRO B 301 -9.10 16.81 26.50
N VAL B 302 -9.24 16.51 27.79
CA VAL B 302 -8.31 15.61 28.47
C VAL B 302 -9.05 14.36 28.91
N VAL B 303 -8.39 13.21 28.81
CA VAL B 303 -8.95 11.97 29.33
C VAL B 303 -8.80 12.01 30.83
N ASP B 304 -9.86 12.49 31.47
CA ASP B 304 -9.88 12.77 32.91
C ASP B 304 -10.45 11.66 33.76
N GLY B 305 -11.07 10.68 33.14
CA GLY B 305 -11.83 9.66 33.87
C GLY B 305 -13.14 10.18 34.46
N ASP B 306 -13.59 11.37 34.03
CA ASP B 306 -14.84 11.96 34.49
C ASP B 306 -15.72 12.25 33.26
N PHE B 307 -15.50 13.40 32.61
CA PHE B 307 -16.25 13.72 31.38
C PHE B 307 -16.05 12.61 30.37
N LEU B 308 -14.79 12.17 30.27
CA LEU B 308 -14.39 11.07 29.45
C LEU B 308 -13.88 9.95 30.35
N SER B 309 -14.70 8.92 30.55
CA SER B 309 -14.35 7.83 31.47
C SER B 309 -13.10 7.05 31.03
N ASP B 310 -12.89 6.95 29.71
CA ASP B 310 -11.73 6.30 29.14
C ASP B 310 -11.34 7.07 27.88
N THR B 311 -10.30 6.61 27.19
CA THR B 311 -9.90 7.22 25.92
C THR B 311 -11.07 7.06 24.94
N PRO B 312 -11.28 8.05 24.07
CA PRO B 312 -12.32 7.90 23.05
C PRO B 312 -12.19 6.64 22.21
N GLU B 313 -10.95 6.23 21.93
CA GLU B 313 -10.67 4.97 21.22
C GLU B 313 -11.30 3.79 21.94
N ALA B 314 -11.01 3.68 23.24
CA ALA B 314 -11.61 2.66 24.09
C ALA B 314 -13.14 2.79 24.13
N LEU B 315 -13.64 4.02 24.20
CA LEU B 315 -15.07 4.25 24.33
C LEU B 315 -15.86 3.93 23.05
N ILE B 316 -15.27 4.19 21.88
CA ILE B 316 -15.95 3.87 20.61
C ILE B 316 -15.89 2.36 20.34
N ASN B 317 -14.81 1.71 20.76
CA ASN B 317 -14.65 0.27 20.56
C ASN B 317 -15.68 -0.52 21.38
N THR B 318 -16.05 0.00 22.55
CA THR B 318 -16.86 -0.77 23.50
C THR B 318 -18.24 -0.20 23.80
N GLY B 319 -18.61 0.90 23.14
CA GLY B 319 -19.89 1.54 23.42
C GLY B 319 -21.09 0.83 22.81
N ASP B 320 -22.27 1.10 23.34
CA ASP B 320 -23.51 0.66 22.73
C ASP B 320 -24.20 1.88 22.15
N PHE B 321 -24.38 1.87 20.81
CA PHE B 321 -24.91 3.02 20.11
C PHE B 321 -26.21 2.70 19.36
N GLN B 322 -26.98 1.78 19.92
CA GLN B 322 -28.19 1.25 19.28
C GLN B 322 -29.20 2.31 18.86
N ASP B 323 -29.60 3.19 19.77
CA ASP B 323 -30.65 4.17 19.42
C ASP B 323 -30.08 5.55 19.02
N LEU B 324 -29.02 5.53 18.21
CA LEU B 324 -28.34 6.75 17.75
C LEU B 324 -28.28 6.80 16.22
N GLN B 325 -28.53 7.97 15.66
CA GLN B 325 -28.30 8.21 14.24
C GLN B 325 -27.19 9.24 14.12
N VAL B 326 -26.31 9.03 13.14
CA VAL B 326 -25.15 9.88 12.96
C VAL B 326 -24.89 10.14 11.47
N LEU B 327 -24.62 11.39 11.14
CA LEU B 327 -24.15 11.81 9.83
C LEU B 327 -22.69 12.26 9.96
N VAL B 328 -21.79 11.64 9.20
CA VAL B 328 -20.38 12.03 9.25
C VAL B 328 -19.84 12.25 7.86
N GLY B 329 -18.81 13.08 7.73
CA GLY B 329 -18.12 13.18 6.47
C GLY B 329 -16.90 14.04 6.45
N VAL B 330 -16.33 14.17 5.26
CA VAL B 330 -15.04 14.84 5.05
C VAL B 330 -15.12 15.65 3.77
N VAL B 331 -14.24 16.64 3.62
CA VAL B 331 -14.09 17.36 2.36
C VAL B 331 -13.00 16.68 1.53
N LYS B 332 -12.96 16.98 0.23
CA LYS B 332 -12.05 16.29 -0.70
C LYS B 332 -10.58 16.49 -0.35
N ASP B 333 -10.23 17.63 0.25
CA ASP B 333 -8.83 17.96 0.51
C ASP B 333 -8.60 18.45 1.94
N GLU B 334 -8.83 17.54 2.87
CA GLU B 334 -8.73 17.85 4.31
C GLU B 334 -7.40 18.47 4.75
N GLY B 335 -6.30 18.05 4.15
CA GLY B 335 -4.98 18.44 4.67
C GLY B 335 -4.37 19.75 4.17
N SER B 336 -4.77 20.17 2.97
CA SER B 336 -4.11 21.26 2.27
C SER B 336 -3.99 22.54 3.10
N TYR B 337 -5.07 22.93 3.77
CA TYR B 337 -5.14 24.21 4.50
C TYR B 337 -4.07 24.31 5.59
N PHE B 338 -3.78 23.19 6.23
CA PHE B 338 -2.86 23.14 7.37
C PHE B 338 -1.41 23.21 6.96
N LEU B 339 -1.13 22.87 5.71
CA LEU B 339 0.24 22.83 5.21
C LEU B 339 0.91 24.19 5.27
N VAL B 340 0.13 25.23 5.02
CA VAL B 340 0.66 26.60 4.98
C VAL B 340 0.91 27.18 6.38
N TYR B 341 0.50 26.45 7.42
CA TYR B 341 0.68 26.85 8.80
C TYR B 341 1.84 26.13 9.48
N GLY B 342 2.86 25.73 8.73
CA GLY B 342 4.03 25.09 9.36
C GLY B 342 4.99 24.27 8.51
N VAL B 343 4.53 23.69 7.40
CA VAL B 343 5.41 22.86 6.59
C VAL B 343 6.17 23.73 5.59
N PRO B 344 7.52 23.72 5.66
CA PRO B 344 8.26 24.52 4.68
C PRO B 344 8.00 24.11 3.23
N GLY B 345 7.95 25.11 2.35
CA GLY B 345 7.65 24.92 0.92
C GLY B 345 6.22 25.27 0.55
N PHE B 346 5.34 25.38 1.55
CA PHE B 346 3.91 25.58 1.32
C PHE B 346 3.46 27.00 1.63
N SER B 347 2.61 27.53 0.76
CA SER B 347 2.18 28.92 0.79
C SER B 347 0.96 29.10 -0.10
N LYS B 348 0.04 29.98 0.31
CA LYS B 348 -1.13 30.29 -0.51
C LYS B 348 -0.74 31.10 -1.75
N ASP B 349 0.40 31.78 -1.68
CA ASP B 349 0.82 32.72 -2.72
C ASP B 349 1.58 32.10 -3.89
N ASN B 350 1.92 30.81 -3.82
CA ASN B 350 2.45 30.09 -4.99
C ASN B 350 1.83 28.68 -5.14
N GLU B 351 2.27 27.93 -6.14
CA GLU B 351 1.69 26.60 -6.43
C GLU B 351 2.18 25.52 -5.45
N SER B 352 3.14 25.85 -4.59
CA SER B 352 3.64 24.97 -3.54
C SER B 352 4.17 23.63 -4.06
N LEU B 353 4.89 23.70 -5.18
CA LEU B 353 5.57 22.55 -5.73
C LEU B 353 6.81 22.26 -4.87
N ILE B 354 6.91 21.05 -4.31
CA ILE B 354 7.98 20.74 -3.37
C ILE B 354 8.89 19.58 -3.79
N SER B 355 10.09 19.54 -3.22
CA SER B 355 11.06 18.47 -3.47
C SER B 355 10.76 17.25 -2.62
N ARG B 356 11.42 16.14 -2.95
CA ARG B 356 11.35 14.94 -2.11
C ARG B 356 11.87 15.23 -0.70
N ALA B 357 12.98 15.95 -0.59
CA ALA B 357 13.56 16.30 0.71
C ALA B 357 12.54 16.98 1.59
N GLN B 358 11.80 17.91 0.99
CA GLN B 358 10.75 18.67 1.67
C GLN B 358 9.55 17.79 2.01
N PHE B 359 9.28 16.77 1.19
CA PHE B 359 8.23 15.81 1.51
C PHE B 359 8.62 15.04 2.78
N LEU B 360 9.83 14.48 2.79
CA LEU B 360 10.34 13.76 3.96
C LEU B 360 10.33 14.59 5.23
N ALA B 361 10.67 15.87 5.11
CA ALA B 361 10.69 16.78 6.25
C ALA B 361 9.28 17.14 6.70
N GLY B 362 8.36 17.25 5.75
CA GLY B 362 6.98 17.59 6.05
C GLY B 362 6.27 16.48 6.78
N VAL B 363 6.59 15.24 6.44
CA VAL B 363 5.99 14.08 7.10
C VAL B 363 6.34 14.04 8.61
N ARG B 364 7.55 14.43 8.99
CA ARG B 364 7.93 14.43 10.39
C ARG B 364 7.14 15.49 11.16
N ILE B 365 6.92 16.64 10.52
CA ILE B 365 6.12 17.72 11.09
C ILE B 365 4.65 17.33 11.08
N GLY B 366 4.23 16.67 10.00
CA GLY B 366 2.82 16.32 9.78
C GLY B 366 2.33 15.09 10.53
N VAL B 367 3.26 14.22 10.90
CA VAL B 367 2.98 13.06 11.72
C VAL B 367 4.00 13.11 12.87
N PRO B 368 3.84 14.08 13.77
CA PRO B 368 4.87 14.45 14.76
C PRO B 368 5.17 13.39 15.81
N GLN B 369 4.20 12.51 16.08
CA GLN B 369 4.41 11.42 17.03
C GLN B 369 5.04 10.20 16.36
N ALA B 370 5.19 10.23 15.04
CA ALA B 370 5.76 9.11 14.29
C ALA B 370 7.25 8.93 14.55
N SER B 371 7.65 7.68 14.78
CA SER B 371 9.05 7.32 14.89
C SER B 371 9.69 7.36 13.51
N ASP B 372 11.02 7.23 13.48
CA ASP B 372 11.75 7.22 12.21
C ASP B 372 11.19 6.15 11.26
N LEU B 373 11.03 4.93 11.76
CA LEU B 373 10.53 3.82 10.94
C LEU B 373 9.10 4.05 10.46
N ALA B 374 8.23 4.51 11.36
CA ALA B 374 6.85 4.83 11.03
C ALA B 374 6.77 5.94 9.98
N ALA B 375 7.63 6.94 10.10
CA ALA B 375 7.72 8.02 9.13
C ALA B 375 8.22 7.50 7.79
N GLU B 376 9.12 6.54 7.80
CA GLU B 376 9.54 5.92 6.54
C GLU B 376 8.38 5.13 5.90
N ALA B 377 7.57 4.46 6.72
CA ALA B 377 6.41 3.73 6.19
C ALA B 377 5.41 4.68 5.52
N VAL B 378 5.16 5.84 6.14
CA VAL B 378 4.29 6.85 5.55
C VAL B 378 4.85 7.36 4.21
N VAL B 379 6.13 7.68 4.16
CA VAL B 379 6.72 8.14 2.90
C VAL B 379 6.65 7.06 1.81
N LEU B 380 6.97 5.83 2.18
CA LEU B 380 6.94 4.75 1.21
C LEU B 380 5.52 4.43 0.71
N HIS B 381 4.52 4.57 1.57
CA HIS B 381 3.10 4.34 1.18
C HIS B 381 2.56 5.44 0.26
N TYR B 382 2.92 6.69 0.53
CA TYR B 382 2.35 7.84 -0.16
C TYR B 382 3.15 8.29 -1.38
N THR B 383 4.39 7.82 -1.49
CA THR B 383 5.16 8.01 -2.72
C THR B 383 4.48 7.29 -3.89
N ASP B 384 4.34 8.00 -5.01
CA ASP B 384 3.95 7.37 -6.27
C ASP B 384 5.25 6.92 -6.93
N TRP B 385 5.50 5.61 -6.90
CA TRP B 385 6.82 5.10 -7.31
C TRP B 385 7.08 5.12 -8.82
N LEU B 386 6.05 5.50 -9.59
CA LEU B 386 6.24 5.90 -10.99
C LEU B 386 6.70 7.36 -11.16
N HIS B 387 6.31 8.21 -10.21
CA HIS B 387 6.64 9.64 -10.25
C HIS B 387 7.18 10.10 -8.88
N PRO B 388 8.22 9.43 -8.37
CA PRO B 388 8.69 9.65 -6.98
C PRO B 388 9.25 11.04 -6.67
N GLU B 389 9.72 11.74 -7.70
CA GLU B 389 10.33 13.06 -7.51
C GLU B 389 9.42 14.18 -8.01
N ASP B 390 8.24 13.84 -8.52
CA ASP B 390 7.38 14.84 -9.15
C ASP B 390 6.80 15.81 -8.11
N PRO B 391 7.16 17.10 -8.18
CA PRO B 391 6.73 18.07 -7.18
C PRO B 391 5.21 18.23 -6.96
N THR B 392 4.42 18.12 -8.03
CA THR B 392 2.95 18.15 -7.93
C THR B 392 2.44 16.93 -7.14
N HIS B 393 3.00 15.76 -7.45
CA HIS B 393 2.64 14.54 -6.71
C HIS B 393 3.04 14.65 -5.25
N LEU B 394 4.25 15.13 -5.00
CA LEU B 394 4.78 15.20 -3.63
C LEU B 394 3.96 16.17 -2.79
N ARG B 395 3.68 17.36 -3.35
CA ARG B 395 2.80 18.33 -2.71
C ARG B 395 1.41 17.75 -2.37
N ASP B 396 0.78 17.09 -3.33
CA ASP B 396 -0.55 16.51 -3.12
C ASP B 396 -0.51 15.37 -2.12
N ALA B 397 0.57 14.58 -2.14
CA ALA B 397 0.75 13.50 -1.17
C ALA B 397 0.91 14.08 0.24
N MET B 398 1.67 15.16 0.37
CA MET B 398 1.82 15.82 1.66
C MET B 398 0.45 16.20 2.23
N SER B 399 -0.39 16.80 1.40
CA SER B 399 -1.75 17.14 1.81
C SER B 399 -2.50 15.88 2.24
N ALA B 400 -2.38 14.83 1.44
CA ALA B 400 -3.08 13.57 1.75
C ALA B 400 -2.64 12.98 3.09
N VAL B 401 -1.34 12.97 3.35
CA VAL B 401 -0.84 12.45 4.62
C VAL B 401 -1.50 13.16 5.81
N VAL B 402 -1.56 14.48 5.75
CA VAL B 402 -2.05 15.25 6.87
C VAL B 402 -3.56 15.09 7.03
N GLY B 403 -4.28 15.11 5.91
CA GLY B 403 -5.72 14.95 5.92
C GLY B 403 -6.17 13.55 6.34
N ASP B 404 -5.45 12.53 5.90
CA ASP B 404 -5.80 11.15 6.22
C ASP B 404 -5.49 10.82 7.68
N HIS B 405 -4.29 11.16 8.11
CA HIS B 405 -3.86 10.94 9.49
C HIS B 405 -4.80 11.61 10.51
N ASN B 406 -5.24 12.82 10.19
CA ASN B 406 -5.93 13.66 11.16
C ASN B 406 -7.44 13.66 11.03
N VAL B 407 -7.96 13.44 9.82
CA VAL B 407 -9.41 13.49 9.61
C VAL B 407 -10.00 12.23 8.95
N VAL B 408 -9.61 11.92 7.72
CA VAL B 408 -10.31 10.88 6.94
C VAL B 408 -10.29 9.51 7.62
N CYS B 409 -9.12 9.09 8.11
CA CYS B 409 -9.03 7.76 8.69
C CYS B 409 -9.62 7.67 10.10
N PRO B 410 -9.38 8.69 10.95
CA PRO B 410 -10.21 8.80 12.15
C PRO B 410 -11.70 8.75 11.88
N VAL B 411 -12.16 9.43 10.84
CA VAL B 411 -13.58 9.39 10.49
C VAL B 411 -14.03 7.96 10.08
N ALA B 412 -13.26 7.29 9.21
CA ALA B 412 -13.61 5.93 8.78
C ALA B 412 -13.67 4.99 9.96
N GLN B 413 -12.69 5.14 10.85
CA GLN B 413 -12.64 4.35 12.07
C GLN B 413 -13.90 4.55 12.93
N LEU B 414 -14.31 5.80 13.12
CA LEU B 414 -15.50 6.11 13.90
C LEU B 414 -16.77 5.55 13.24
N ALA B 415 -16.92 5.83 11.96
CA ALA B 415 -18.07 5.38 11.19
C ALA B 415 -18.25 3.88 11.34
N GLY B 416 -17.14 3.16 11.23
CA GLY B 416 -17.15 1.71 11.31
C GLY B 416 -17.49 1.16 12.67
N ARG B 417 -16.96 1.77 13.72
CA ARG B 417 -17.25 1.34 15.09
C ARG B 417 -18.70 1.63 15.45
N LEU B 418 -19.15 2.85 15.16
CA LEU B 418 -20.54 3.22 15.40
C LEU B 418 -21.50 2.28 14.68
N ALA B 419 -21.21 2.01 13.41
CA ALA B 419 -22.03 1.10 12.61
C ALA B 419 -22.04 -0.34 13.19
N ALA B 420 -20.87 -0.83 13.59
CA ALA B 420 -20.75 -2.18 14.17
C ALA B 420 -21.46 -2.29 15.53
N GLN B 421 -21.46 -1.19 16.27
CA GLN B 421 -22.04 -1.16 17.60
C GLN B 421 -23.47 -0.61 17.65
N GLY B 422 -24.19 -0.67 16.52
CA GLY B 422 -25.64 -0.46 16.52
C GLY B 422 -26.17 0.87 16.02
N ALA B 423 -25.28 1.84 15.82
CA ALA B 423 -25.69 3.15 15.31
C ALA B 423 -26.14 3.08 13.85
N ARG B 424 -27.08 3.95 13.51
CA ARG B 424 -27.44 4.23 12.12
C ARG B 424 -26.52 5.35 11.63
N VAL B 425 -25.70 5.07 10.62
CA VAL B 425 -24.67 6.00 10.17
C VAL B 425 -24.86 6.35 8.69
N TYR B 426 -24.71 7.62 8.35
CA TYR B 426 -24.65 8.07 6.95
C TYR B 426 -23.37 8.85 6.75
N ALA B 427 -22.61 8.52 5.68
CA ALA B 427 -21.32 9.13 5.41
C ALA B 427 -21.30 9.85 4.06
N TYR B 428 -20.55 10.93 3.98
CA TYR B 428 -20.38 11.69 2.75
C TYR B 428 -18.93 12.12 2.55
N ILE B 429 -18.60 12.41 1.30
CA ILE B 429 -17.43 13.23 0.96
C ILE B 429 -17.92 14.42 0.16
N PHE B 430 -17.45 15.60 0.54
CA PHE B 430 -17.89 16.84 -0.05
C PHE B 430 -16.83 17.32 -1.04
N GLU B 431 -17.20 17.50 -2.30
CA GLU B 431 -16.22 17.66 -3.38
C GLU B 431 -16.39 18.88 -4.25
N HIS B 432 -17.26 19.80 -3.87
CA HIS B 432 -17.44 21.02 -4.61
C HIS B 432 -16.57 22.16 -4.06
N ARG B 433 -15.75 22.76 -4.91
CA ARG B 433 -14.96 23.94 -4.55
C ARG B 433 -15.75 25.21 -4.86
N ALA B 434 -15.99 26.02 -3.85
CA ALA B 434 -16.75 27.25 -3.99
C ALA B 434 -16.13 28.17 -5.04
N SER B 435 -16.97 28.70 -5.94
CA SER B 435 -16.52 29.64 -6.96
C SER B 435 -15.91 30.90 -6.36
N THR B 436 -16.30 31.21 -5.12
CA THR B 436 -15.86 32.42 -4.43
C THR B 436 -14.58 32.24 -3.56
N LEU B 437 -14.05 31.01 -3.53
CA LEU B 437 -12.91 30.66 -2.67
C LEU B 437 -11.68 31.50 -2.99
N THR B 438 -11.04 32.02 -1.96
CA THR B 438 -9.89 32.93 -2.11
C THR B 438 -8.54 32.21 -1.89
N TRP B 439 -8.58 31.00 -1.33
CA TRP B 439 -7.39 30.16 -1.25
C TRP B 439 -7.05 29.67 -2.64
N PRO B 440 -5.76 29.38 -2.90
CA PRO B 440 -5.34 28.96 -4.25
C PRO B 440 -5.87 27.59 -4.69
N LEU B 441 -5.88 27.38 -5.99
CA LEU B 441 -6.40 26.17 -6.60
C LEU B 441 -5.77 24.88 -6.12
N TRP B 442 -4.50 24.93 -5.75
CA TRP B 442 -3.80 23.70 -5.40
C TRP B 442 -4.37 23.10 -4.12
N MET B 443 -4.99 23.93 -3.28
CA MET B 443 -5.60 23.44 -2.04
C MET B 443 -6.91 22.65 -2.24
N GLY B 444 -7.44 22.68 -3.45
CA GLY B 444 -8.64 21.94 -3.79
C GLY B 444 -9.88 22.38 -3.03
N VAL B 445 -10.54 21.42 -2.40
CA VAL B 445 -11.68 21.67 -1.52
C VAL B 445 -11.14 21.60 -0.09
N PRO B 446 -10.77 22.75 0.49
CA PRO B 446 -10.07 22.68 1.76
C PRO B 446 -10.99 22.48 2.95
N HIS B 447 -10.40 22.04 4.06
CA HIS B 447 -11.05 21.93 5.35
C HIS B 447 -11.85 23.21 5.63
N GLY B 448 -13.12 23.07 6.01
CA GLY B 448 -13.96 24.23 6.39
C GLY B 448 -14.86 24.79 5.29
N TYR B 449 -14.62 24.43 4.03
CA TYR B 449 -15.37 25.08 2.95
C TYR B 449 -16.66 24.39 2.47
N GLU B 450 -17.11 23.40 3.23
CA GLU B 450 -18.51 22.89 3.08
C GLU B 450 -19.50 23.71 3.93
N ILE B 451 -19.02 24.35 4.98
CA ILE B 451 -19.91 24.93 6.00
C ILE B 451 -20.83 25.99 5.39
N GLU B 452 -20.27 26.89 4.60
CA GLU B 452 -21.05 27.98 4.00
C GLU B 452 -22.19 27.48 3.12
N PHE B 453 -22.05 26.28 2.55
CA PHE B 453 -23.13 25.65 1.80
C PHE B 453 -24.23 25.04 2.69
N ILE B 454 -23.84 24.34 3.76
CA ILE B 454 -24.79 23.75 4.70
C ILE B 454 -25.63 24.85 5.37
N PHE B 455 -25.01 25.99 5.67
CA PHE B 455 -25.73 27.10 6.29
C PHE B 455 -26.56 27.93 5.29
N GLY B 456 -26.29 27.76 4.00
CA GLY B 456 -27.14 28.30 2.94
C GLY B 456 -26.77 29.70 2.48
N LEU B 457 -25.50 30.06 2.65
CA LEU B 457 -25.02 31.39 2.28
C LEU B 457 -25.14 31.69 0.80
N PRO B 458 -24.96 30.68 -0.07
CA PRO B 458 -25.27 30.89 -1.50
C PRO B 458 -26.65 31.45 -1.84
N LEU B 459 -27.62 31.34 -0.93
CA LEU B 459 -28.97 31.90 -1.16
C LEU B 459 -29.03 33.43 -1.03
N ASP B 460 -27.98 34.06 -0.51
CA ASP B 460 -27.88 35.51 -0.48
C ASP B 460 -27.27 35.97 -1.79
N PRO B 461 -28.07 36.63 -2.66
CA PRO B 461 -27.60 36.94 -4.01
C PRO B 461 -26.46 37.95 -4.05
N SER B 462 -26.30 38.74 -2.99
CA SER B 462 -25.21 39.71 -2.90
C SER B 462 -23.84 39.04 -2.70
N LEU B 463 -23.80 37.75 -2.36
CA LEU B 463 -22.55 37.03 -2.15
C LEU B 463 -21.95 36.46 -3.44
N ASN B 464 -22.67 36.56 -4.55
CA ASN B 464 -22.16 36.22 -5.89
C ASN B 464 -21.82 34.75 -6.13
N TYR B 465 -22.56 33.84 -5.49
CA TYR B 465 -22.46 32.42 -5.83
C TYR B 465 -23.22 32.19 -7.15
N THR B 466 -22.86 31.14 -7.87
CA THR B 466 -23.57 30.75 -9.08
C THR B 466 -24.96 30.19 -8.73
N THR B 467 -25.85 30.09 -9.72
CA THR B 467 -27.20 29.57 -9.47
C THR B 467 -27.13 28.07 -9.15
N GLU B 468 -26.16 27.38 -9.77
CA GLU B 468 -25.84 25.99 -9.44
C GLU B 468 -25.49 25.83 -7.94
N GLU B 469 -24.64 26.72 -7.43
CA GLU B 469 -24.23 26.70 -6.04
C GLU B 469 -25.40 26.95 -5.06
N ARG B 470 -26.35 27.77 -5.50
CA ARG B 470 -27.55 28.08 -4.73
C ARG B 470 -28.47 26.87 -4.64
N ILE B 471 -28.71 26.22 -5.77
CA ILE B 471 -29.50 24.99 -5.85
C ILE B 471 -28.85 23.88 -5.02
N PHE B 472 -27.53 23.78 -5.12
CA PHE B 472 -26.75 22.79 -4.37
C PHE B 472 -26.86 23.03 -2.88
N ALA B 473 -26.71 24.29 -2.46
CA ALA B 473 -26.87 24.66 -1.06
C ALA B 473 -28.28 24.29 -0.55
N GLN B 474 -29.30 24.46 -1.39
CA GLN B 474 -30.65 24.05 -1.00
C GLN B 474 -30.77 22.53 -0.83
N ARG B 475 -30.06 21.77 -1.66
CA ARG B 475 -30.00 20.31 -1.49
C ARG B 475 -29.38 19.94 -0.13
N LEU B 476 -28.27 20.56 0.21
CA LEU B 476 -27.58 20.27 1.47
C LEU B 476 -28.38 20.65 2.71
N MET B 477 -29.00 21.82 2.68
CA MET B 477 -29.88 22.24 3.77
C MET B 477 -30.98 21.23 4.02
N LYS B 478 -31.49 20.62 2.95
CA LYS B 478 -32.52 19.59 3.04
C LYS B 478 -32.02 18.29 3.64
N TYR B 479 -30.82 17.87 3.24
CA TYR B 479 -30.25 16.64 3.77
C TYR B 479 -30.05 16.78 5.26
N TRP B 480 -29.52 17.93 5.67
CA TRP B 480 -29.21 18.17 7.07
C TRP B 480 -30.46 18.27 7.92
N THR B 481 -31.48 18.99 7.43
CA THR B 481 -32.69 19.18 8.20
C THR B 481 -33.59 17.94 8.13
N ASN B 482 -33.56 17.21 7.01
CA ASN B 482 -34.24 15.90 6.97
C ASN B 482 -33.65 14.96 8.01
N PHE B 483 -32.32 14.97 8.07
CA PHE B 483 -31.62 14.16 9.06
C PHE B 483 -32.02 14.61 10.47
N ALA B 484 -32.04 15.91 10.74
CA ALA B 484 -32.45 16.41 12.06
C ALA B 484 -33.89 16.01 12.37
N ARG B 485 -34.76 16.09 11.38
CA ARG B 485 -36.17 15.76 11.53
C ARG B 485 -36.37 14.27 11.82
N THR B 486 -35.65 13.42 11.10
CA THR B 486 -35.97 12.00 11.02
C THR B 486 -34.82 11.02 11.33
N GLY B 487 -33.59 11.52 11.37
CA GLY B 487 -32.43 10.64 11.45
C GLY B 487 -32.05 9.96 10.16
N ASP B 488 -32.64 10.42 9.06
CA ASP B 488 -32.42 9.89 7.71
C ASP B 488 -32.34 11.13 6.82
N PRO B 489 -31.23 11.36 6.11
CA PRO B 489 -31.13 12.58 5.31
C PRO B 489 -31.91 12.55 3.98
N ASN B 490 -32.48 11.40 3.64
CA ASN B 490 -33.26 11.26 2.42
C ASN B 490 -34.62 11.93 2.56
N ASP B 491 -35.09 12.53 1.47
CA ASP B 491 -36.37 13.23 1.45
C ASP B 491 -37.52 12.21 1.41
N PRO B 492 -38.36 12.18 2.48
CA PRO B 492 -39.35 11.09 2.60
C PRO B 492 -40.57 11.22 1.71
N ARG B 493 -40.84 12.42 1.20
CA ARG B 493 -41.94 12.67 0.26
C ARG B 493 -41.48 12.68 -1.20
N ASP B 494 -40.17 12.76 -1.41
CA ASP B 494 -39.60 12.67 -2.76
C ASP B 494 -39.25 11.21 -3.09
N SER B 495 -39.49 10.80 -4.34
CA SER B 495 -38.96 9.54 -4.85
C SER B 495 -37.50 9.74 -5.29
N LYS B 496 -37.22 9.63 -6.59
CA LYS B 496 -35.84 9.41 -7.04
C LYS B 496 -34.89 10.58 -6.86
N SER B 497 -33.60 10.28 -7.08
CA SER B 497 -32.55 10.84 -6.27
C SER B 497 -31.13 10.61 -6.84
N PRO B 498 -30.51 9.40 -6.71
CA PRO B 498 -30.77 8.15 -5.96
C PRO B 498 -30.61 8.29 -4.45
N GLN B 499 -31.05 7.26 -3.72
CA GLN B 499 -31.08 7.31 -2.26
C GLN B 499 -29.66 7.25 -1.66
N TRP B 500 -29.48 7.95 -0.55
CA TRP B 500 -28.28 7.89 0.26
C TRP B 500 -28.35 6.68 1.21
N PRO B 501 -27.57 5.60 0.96
CA PRO B 501 -27.64 4.42 1.82
C PRO B 501 -26.90 4.60 3.15
N PRO B 502 -27.34 3.91 4.21
CA PRO B 502 -26.55 3.93 5.43
C PRO B 502 -25.14 3.35 5.23
N TYR B 503 -24.17 3.92 5.94
CA TYR B 503 -22.83 3.38 5.95
C TYR B 503 -22.81 2.16 6.85
N THR B 504 -22.27 1.05 6.33
CA THR B 504 -22.16 -0.19 7.09
C THR B 504 -20.74 -0.74 6.98
N THR B 505 -20.37 -1.63 7.91
CA THR B 505 -19.02 -2.21 7.89
C THR B 505 -18.86 -3.14 6.68
N ALA B 506 -19.90 -3.87 6.34
CA ALA B 506 -19.92 -4.72 5.14
C ALA B 506 -19.76 -3.92 3.84
N ALA B 507 -20.78 -3.12 3.49
CA ALA B 507 -20.82 -2.44 2.18
C ALA B 507 -20.01 -1.14 2.15
N GLN B 508 -19.83 -0.51 3.31
CA GLN B 508 -19.03 0.73 3.44
C GLN B 508 -19.44 1.84 2.48
N GLN B 509 -20.75 1.97 2.25
CA GLN B 509 -21.25 2.97 1.32
C GLN B 509 -21.29 4.39 1.86
N TYR B 510 -20.93 5.33 1.00
CA TYR B 510 -21.00 6.75 1.29
C TYR B 510 -21.30 7.48 0.00
N VAL B 511 -21.66 8.75 0.08
CA VAL B 511 -22.06 9.47 -1.11
C VAL B 511 -21.16 10.67 -1.36
N SER B 512 -21.09 11.09 -2.62
CA SER B 512 -20.40 12.33 -2.99
C SER B 512 -21.39 13.48 -3.01
N LEU B 513 -21.02 14.54 -2.31
CA LEU B 513 -21.77 15.78 -2.32
C LEU B 513 -21.02 16.75 -3.24
N ASN B 514 -21.59 16.97 -4.42
CA ASN B 514 -21.06 17.92 -5.40
C ASN B 514 -22.23 18.39 -6.27
N LEU B 515 -21.95 19.11 -7.36
CA LEU B 515 -23.03 19.69 -8.16
C LEU B 515 -23.83 18.64 -8.90
N LYS B 516 -23.24 17.47 -9.12
CA LYS B 516 -23.96 16.35 -9.75
C LYS B 516 -24.88 15.67 -8.74
N PRO B 517 -25.89 14.93 -9.21
CA PRO B 517 -26.72 14.10 -8.33
C PRO B 517 -25.88 13.16 -7.46
N LEU B 518 -26.40 12.79 -6.29
CA LEU B 518 -25.70 11.84 -5.40
C LEU B 518 -25.16 10.64 -6.17
N GLU B 519 -23.87 10.37 -6.00
CA GLU B 519 -23.28 9.13 -6.48
C GLU B 519 -22.90 8.33 -5.23
N VAL B 520 -23.22 7.04 -5.20
CA VAL B 520 -22.85 6.15 -4.11
C VAL B 520 -21.50 5.50 -4.41
N ARG B 521 -20.57 5.58 -3.46
CA ARG B 521 -19.27 4.92 -3.56
C ARG B 521 -19.08 3.98 -2.37
N ARG B 522 -18.08 3.12 -2.47
CA ARG B 522 -17.80 2.16 -1.40
C ARG B 522 -16.37 2.22 -0.97
N GLY B 523 -16.16 2.33 0.34
CA GLY B 523 -14.83 2.23 0.93
C GLY B 523 -14.21 3.59 1.00
N LEU B 524 -14.15 4.13 2.21
CA LEU B 524 -13.65 5.47 2.44
C LEU B 524 -12.12 5.40 2.65
N ARG B 525 -11.37 5.42 1.56
CA ARG B 525 -9.91 5.25 1.59
C ARG B 525 -9.53 3.94 2.29
N ALA B 526 -10.17 2.86 1.90
CA ALA B 526 -10.11 1.63 2.67
C ALA B 526 -8.68 1.12 2.88
N GLN B 527 -7.89 1.09 1.81
CA GLN B 527 -6.53 0.53 1.88
C GLN B 527 -5.60 1.41 2.70
N THR B 528 -5.67 2.72 2.43
CA THR B 528 -4.83 3.67 3.11
C THR B 528 -5.22 3.79 4.59
N CYS B 529 -6.50 3.76 4.90
CA CYS B 529 -6.90 3.84 6.31
C CYS B 529 -6.59 2.57 7.08
N ALA B 530 -6.54 1.43 6.39
CA ALA B 530 -6.06 0.19 7.02
C ALA B 530 -4.59 0.34 7.40
N PHE B 531 -3.83 1.07 6.59
CA PHE B 531 -2.46 1.40 6.93
C PHE B 531 -2.41 2.24 8.21
N TRP B 532 -3.22 3.30 8.27
CA TRP B 532 -3.25 4.17 9.44
C TRP B 532 -3.88 3.54 10.67
N ASN B 533 -4.98 2.83 10.49
CA ASN B 533 -5.79 2.31 11.62
C ASN B 533 -5.41 0.93 12.12
N ARG B 534 -4.84 0.10 11.25
CA ARG B 534 -4.45 -1.26 11.63
C ARG B 534 -2.95 -1.46 11.65
N PHE B 535 -2.22 -0.96 10.65
CA PHE B 535 -0.79 -1.24 10.61
C PHE B 535 0.02 -0.40 11.57
N LEU B 536 -0.11 0.92 11.49
CA LEU B 536 0.78 1.79 12.27
C LEU B 536 0.69 1.57 13.79
N PRO B 537 -0.54 1.39 14.32
CA PRO B 537 -0.65 1.02 15.73
C PRO B 537 0.13 -0.24 16.10
N LYS B 538 0.07 -1.26 15.24
CA LYS B 538 0.87 -2.48 15.44
C LYS B 538 2.36 -2.20 15.36
N LEU B 539 2.75 -1.21 14.58
CA LEU B 539 4.15 -0.89 14.42
C LEU B 539 4.73 -0.38 15.71
N LEU B 540 4.21 0.75 16.19
CA LEU B 540 4.82 1.42 17.34
C LEU B 540 4.49 0.79 18.71
N SER B 541 3.56 -0.17 18.74
CA SER B 541 3.31 -0.99 19.95
C SER B 541 4.17 -2.27 19.91
N ALA B 542 5.47 -2.10 19.64
CA ALA B 542 6.39 -3.22 19.40
C ALA B 542 7.70 -2.65 18.83
N THR B 543 7.58 -2.07 17.64
CA THR B 543 8.67 -1.32 16.96
C THR B 543 9.77 -2.26 16.38
C1 NAG C . -9.73 -28.36 -2.22
C2 NAG C . -10.50 -28.05 -0.92
C3 NAG C . -9.60 -27.87 0.31
C4 NAG C . -8.73 -29.11 0.44
C5 NAG C . -7.93 -29.27 -0.85
C6 NAG C . -6.93 -30.43 -0.83
C7 NAG C . -12.75 -27.18 -1.07
C8 NAG C . -13.58 -26.27 -0.19
N2 NAG C . -11.44 -26.93 -1.12
O3 NAG C . -10.35 -27.68 1.49
O4 NAG C . -7.88 -28.96 1.55
O5 NAG C . -8.80 -29.41 -1.95
O6 NAG C . -7.48 -31.65 -0.36
O7 NAG C . -13.30 -28.09 -1.71
C1 FUC C . -8.02 -32.52 -1.39
C2 FUC C . -8.35 -33.98 -1.08
C3 FUC C . -9.83 -34.20 -1.39
C4 FUC C . -10.12 -33.76 -2.83
C5 FUC C . -9.63 -32.34 -3.12
C6 FUC C . -9.82 -32.04 -4.61
O2 FUC C . -8.04 -34.31 0.26
O3 FUC C . -10.19 -35.56 -1.20
O4 FUC C . -9.52 -34.66 -3.76
O5 FUC C . -8.29 -32.14 -2.74
C1 NAG D . -4.62 -33.54 -30.77
C2 NAG D . -4.49 -34.61 -29.67
C3 NAG D . -4.91 -35.99 -30.18
C4 NAG D . -6.26 -35.89 -30.89
C5 NAG D . -6.08 -34.91 -32.05
C6 NAG D . -7.25 -34.84 -33.05
C7 NAG D . -2.71 -34.12 -28.03
C8 NAG D . -1.24 -33.80 -27.92
N2 NAG D . -3.11 -34.66 -29.18
O3 NAG D . -4.97 -36.92 -29.12
O4 NAG D . -6.69 -37.16 -31.34
O5 NAG D . -5.86 -33.63 -31.46
O6 NAG D . -8.50 -34.71 -32.41
O7 NAG D . -3.46 -33.89 -27.09
C1 NAF E . 9.89 -25.22 -12.03
C2 NAF E . 10.74 -24.14 -11.81
C3 NAF E . 11.13 -23.79 -10.50
C4 NAF E . 10.62 -24.48 -9.39
C5 NAF E . 9.76 -25.56 -9.62
C6 NAF E . 9.41 -25.92 -10.92
C1' NAF E . 12.04 -22.63 -10.39
O1' NAF E . 13.35 -23.01 -10.83
C2' NAF E . 12.15 -21.89 -9.08
F1' NAF E . 12.52 -22.70 -8.12
F2' NAF E . 10.98 -21.34 -8.86
F3' NAF E . 13.04 -20.91 -9.12
N1 NAF E . 9.54 -25.61 -13.35
CM1 NAF E . 8.53 -26.67 -13.39
CM2 NAF E . 10.76 -26.19 -13.98
CM3 NAF E . 9.09 -24.45 -14.15
O1 P6G F . 0.33 3.11 -1.76
C2 P6G F . 0.45 1.75 -1.29
C3 P6G F . 1.53 1.05 -0.44
O4 P6G F . 2.77 0.51 -1.23
C5 P6G F . 4.01 1.20 -0.96
C6 P6G F . 4.65 0.50 0.11
O7 P6G F . 4.40 1.01 1.54
C8 P6G F . 5.34 0.55 2.51
C9 P6G F . 4.72 0.62 3.92
O10 P6G F . 3.51 -0.39 4.22
C11 P6G F . 3.39 -0.88 5.55
C12 P6G F . 2.45 -1.97 5.58
O13 P6G F . 1.02 -1.75 4.93
C14 P6G F . -0.15 -2.05 5.76
C15 P6G F . -1.38 -2.06 5.00
O16 P6G F . -1.45 -0.94 3.89
C17 P6G F . -2.32 -1.16 2.76
C18 P6G F . -1.62 -0.69 1.61
O19 P6G F . -2.22 -1.20 0.24
O1 PG4 G . 9.44 -34.97 1.40
C1 PG4 G . 8.54 -34.84 0.27
C2 PG4 G . 7.60 -33.64 0.46
O2 PG4 G . 8.27 -32.39 0.17
C3 PG4 G . 8.41 -32.07 -1.21
C4 PG4 G . 8.03 -30.62 -1.47
O3 PG4 G . 8.50 -30.25 -2.78
C5 PG4 G . 8.24 -28.89 -3.16
C6 PG4 G . 8.04 -28.86 -4.68
O4 PG4 G . 7.93 -27.53 -5.22
C7 PG4 G . 7.71 -27.40 -6.65
C8 PG4 G . 7.27 -28.64 -7.43
O5 PG4 G . 8.34 -29.48 -7.94
C1 NAG H . 6.55 29.48 -2.25
C2 NAG H . 7.98 28.94 -2.43
C3 NAG H . 8.61 28.65 -1.07
C4 NAG H . 8.60 29.89 -0.15
C5 NAG H . 7.19 30.52 -0.10
C6 NAG H . 7.22 31.87 0.63
C7 NAG H . 8.24 27.61 -4.53
C8 NAG H . 7.37 26.63 -5.27
N2 NAG H . 8.03 27.70 -3.21
O3 NAG H . 9.92 28.12 -1.18
O4 NAG H . 9.07 29.55 1.14
O5 NAG H . 6.64 30.64 -1.41
O6 NAG H . 6.85 32.98 -0.17
O7 NAG H . 9.10 28.28 -5.12
C1 NAF I . -10.53 25.62 11.56
C2 NAF I . -10.82 24.40 12.17
C3 NAF I . -9.81 23.65 12.79
C4 NAF I . -8.48 24.09 12.81
C5 NAF I . -8.20 25.32 12.21
C6 NAF I . -9.21 26.07 11.60
C1' NAF I . -10.31 22.39 13.37
O1' NAF I . -11.16 22.69 14.49
C2' NAF I . -9.30 21.31 13.77
F1' NAF I . -8.60 21.80 14.76
F2' NAF I . -8.61 20.94 12.72
F3' NAF I . -9.89 20.21 14.20
N1 NAF I . -11.58 26.38 10.97
CM1 NAF I . -11.04 27.59 10.34
CM2 NAF I . -12.55 26.78 11.99
CM3 NAF I . -12.34 25.59 9.97
#